data_3J0E
#
_entry.id   3J0E
#
_cell.length_a   1.000
_cell.length_b   1.000
_cell.length_c   1.000
_cell.angle_alpha   90.00
_cell.angle_beta   90.00
_cell.angle_gamma   90.00
#
_symmetry.space_group_name_H-M   'P 1'
#
loop_
_entity.id
_entity.type
_entity.pdbx_description
1 polymer 'ribosomal 23S RNA'
2 polymer 'ribosomal 23S RNA'
3 polymer 'ribosomal 23S RNA'
4 polymer 'ribosomal 23S RNA'
5 polymer 'ribosomal 16S RNA'
6 polymer 'ribosomal 16S RNA'
7 polymer '30S ribosomal protein S12'
8 polymer 'Ribosome-recycling factor'
9 polymer 'Elongation factor G'
#
loop_
_entity_poly.entity_id
_entity_poly.type
_entity_poly.pdbx_seq_one_letter_code
_entity_poly.pdbx_strand_id
1 'polyribonucleotide' CGGCCGUAACUAUAACGGUCCU A
2 'polyribonucleotide' GUCGGGUAAGUUCCGAC B
3 'polyribonucleotide' GACUGGGGCGGUC C
4 'polyribonucleotide' GAACGUCGUGAGACAGUUC D
5 'polyribonucleotide' CGUCACACCAUGGGAGUG E
6 'polyribonucleotide' CAUGACUGGGGUGAAGUCG e
7 'polypeptide(L)'
;ATVNQLVRKPRARKVAKSNVPALEACPQKRGVCTRVYTTTPKKPNSALRKVCRVRLTNGFEVTSYIGGEGHNLQEHSVIL
IRGGRVKDLPGVRYHTVRGALDCSGVKDRKQARSKYGVKRPKA
;
F
8 'polypeptide(L)'
;MTLKELYAETRSHMQKSLEVLEHNLAGLRTGRANPALLLHLKVEYYGAHVPLNQIATVTAPDPRTLVVQSWDQNALKAIE
KAIRDSDLGLNPSNKGDALYINIPPLTEERRKDLVRAVRQYAEEGRVAIRNIRREALDKLKKLAKELHLSEDETKRAEAE
IQKITDEFIAKADQLAEKKEQEILG
;
G
9 'polypeptide(L)'
;ARTTPIARYRNIGISAHIDAGKTTTTERILFYTGVNHKIGEVHDGAATMDWMEQEQERGITITSAATTAFWSGMAKQYEP
HRINIIDTPGHVDFTIEVERSMRVLDGAVMVYCAVGGVQPQSETVWRQANKYKVPRIAFVNKMDRMGANFLKVVNQIKTR
LGANPVPLQLAIGAEEHFTGVVDLVKMKAINWNDADQGVTFEYEDIPADMVELANEWHQNLIESAAEASEELMEKYLGGE
ELTEAEIKGALRQRVLNNEIILVTCGSAFKNKGVQAMLDAVIDYLPSPVDVPAINGILDDGKDTPAERHASDDEPFSALA
FKIATDPFVGNLTFFRVYSGVVNSGDTVLNSVKAARERFGRIVQMHANKREEIKEVRAGDIAAAIGLKDVTTGDTLCDPD
APIILERMEFPEPVISIAVEPKTKADQEKMGLALGRLAKEDPSFRVWTDEESNQTIIAGMGELHLDIIVDRMKREFNVEA
NVGKPQVAYRETIRQKVTDVEGKHAKQSGGRGQYGHVVIDMYPLEPGSNPKGYEFINDIKGGVIPGEYIPAVDKGIQEQL
KAGPLAGYPVVDMGIRLHFGSYHDVDSSELAFKLAASIAFKEGFKKAKPVLLEPIMKVEVETPEENTGDVIGDLSRRRGM
LKGQESEVTGVKIHAEVPLSEMFGYATQLRSLTKGRASYTMEFLKYDEAPSNVAQAVIEARG
;
H
#
loop_
_chem_comp.id
_chem_comp.type
_chem_comp.name
_chem_comp.formula
A RNA linking ADENOSINE-5'-MONOPHOSPHATE 'C10 H14 N5 O7 P'
C RNA linking CYTIDINE-5'-MONOPHOSPHATE 'C9 H14 N3 O8 P'
G RNA linking GUANOSINE-5'-MONOPHOSPHATE 'C10 H14 N5 O8 P'
U RNA linking URIDINE-5'-MONOPHOSPHATE 'C9 H13 N2 O9 P'
#
# COMPACT_ATOMS: atom_id res chain seq x y z
N ALA G 1 64.23 -18.23 31.79
CA ALA G 1 64.74 -17.89 33.15
C ALA G 1 65.31 -19.12 33.84
N THR G 2 65.19 -19.16 35.16
CA THR G 2 65.69 -20.28 35.95
C THR G 2 64.54 -20.90 36.72
N VAL G 3 64.67 -22.17 37.09
CA VAL G 3 63.63 -22.87 37.83
C VAL G 3 63.06 -21.98 38.94
N ASN G 4 63.95 -21.40 39.74
CA ASN G 4 63.55 -20.52 40.83
C ASN G 4 62.72 -19.36 40.28
N GLN G 5 63.28 -18.65 39.32
CA GLN G 5 62.60 -17.52 38.70
C GLN G 5 61.32 -17.94 37.99
N LEU G 6 61.16 -19.25 37.80
CA LEU G 6 59.97 -19.77 37.14
C LEU G 6 58.94 -20.19 38.19
N VAL G 7 59.42 -20.77 39.28
CA VAL G 7 58.55 -21.20 40.36
C VAL G 7 57.74 -20.01 40.88
N ARG G 8 58.39 -18.85 40.90
CA ARG G 8 57.76 -17.62 41.35
C ARG G 8 56.78 -17.12 40.28
N LYS G 9 57.33 -16.57 39.20
CA LYS G 9 56.54 -16.05 38.08
C LYS G 9 56.79 -16.90 36.84
N PRO G 10 56.02 -17.99 36.68
CA PRO G 10 56.15 -18.91 35.54
C PRO G 10 56.04 -18.23 34.17
N ARG G 11 55.59 -19.00 33.18
CA ARG G 11 55.42 -18.50 31.83
C ARG G 11 53.98 -18.08 31.60
N ALA G 12 53.76 -16.79 31.37
CA ALA G 12 52.42 -16.26 31.15
C ALA G 12 51.88 -16.67 29.78
N ARG G 13 50.56 -16.77 29.68
CA ARG G 13 49.90 -17.15 28.44
C ARG G 13 49.83 -15.97 27.47
N LYS G 14 48.65 -15.76 26.90
CA LYS G 14 48.44 -14.66 25.95
C LYS G 14 46.99 -14.70 25.49
N VAL G 15 46.16 -13.84 26.08
CA VAL G 15 44.74 -13.77 25.74
C VAL G 15 44.52 -13.50 24.26
N ALA G 16 44.28 -14.57 23.51
CA ALA G 16 44.05 -14.46 22.07
C ALA G 16 42.93 -13.47 21.77
N LYS G 17 43.27 -12.41 21.04
CA LYS G 17 42.31 -11.38 20.68
C LYS G 17 41.61 -11.70 19.35
N SER G 18 40.37 -12.17 19.44
CA SER G 18 39.60 -12.52 18.26
C SER G 18 38.95 -11.29 17.62
N ASN G 19 39.59 -10.79 16.57
CA ASN G 19 39.09 -9.63 15.84
C ASN G 19 37.68 -9.86 15.30
N VAL G 20 36.68 -9.61 16.14
CA VAL G 20 35.28 -9.78 15.77
C VAL G 20 34.34 -9.33 16.88
N PRO G 21 33.59 -8.24 16.65
CA PRO G 21 32.66 -7.74 17.66
C PRO G 21 31.46 -8.66 17.80
N ALA G 22 31.01 -9.20 16.67
CA ALA G 22 29.87 -10.12 16.66
C ALA G 22 30.34 -11.49 17.13
N LEU G 23 31.08 -11.52 18.22
CA LEU G 23 31.59 -12.77 18.78
C LEU G 23 30.47 -13.74 19.14
N GLU G 24 30.25 -13.91 20.45
CA GLU G 24 29.23 -14.81 20.95
C GLU G 24 29.52 -16.21 20.43
N ALA G 25 30.72 -16.40 19.88
CA ALA G 25 31.14 -17.68 19.33
C ALA G 25 30.06 -18.21 18.40
N CYS G 26 29.82 -17.49 17.31
CA CYS G 26 28.80 -17.88 16.34
C CYS G 26 29.33 -17.85 14.91
N PRO G 27 28.77 -18.71 14.04
CA PRO G 27 29.18 -18.77 12.64
C PRO G 27 28.69 -17.54 11.89
N GLN G 28 27.55 -17.01 12.34
CA GLN G 28 26.95 -15.83 11.75
C GLN G 28 25.98 -15.15 12.72
N LYS G 29 25.57 -13.93 12.36
CA LYS G 29 24.65 -13.16 13.19
C LYS G 29 23.67 -12.38 12.32
N ARG G 30 22.44 -12.24 12.79
CA ARG G 30 21.42 -11.52 12.03
C ARG G 30 21.54 -10.00 12.23
N GLY G 31 21.18 -9.25 11.20
CA GLY G 31 21.25 -7.80 11.28
C GLY G 31 19.99 -7.12 10.81
N VAL G 32 20.10 -5.85 10.42
CA VAL G 32 18.96 -5.09 9.94
C VAL G 32 19.35 -4.17 8.79
N CYS G 33 20.63 -3.81 8.74
CA CYS G 33 21.17 -2.94 7.70
C CYS G 33 20.73 -1.48 7.89
N THR G 34 21.67 -0.64 8.32
CA THR G 34 21.40 0.77 8.55
C THR G 34 21.32 1.53 7.24
N ARG G 35 22.26 1.24 6.33
CA ARG G 35 22.30 1.90 5.03
C ARG G 35 23.21 1.12 4.08
N VAL G 36 23.33 1.60 2.85
CA VAL G 36 24.17 0.97 1.85
C VAL G 36 25.21 1.97 1.35
N TYR G 37 26.47 1.75 1.72
CA TYR G 37 27.55 2.65 1.30
C TYR G 37 28.28 2.17 0.04
N THR G 38 29.28 2.94 -0.35
CA THR G 38 30.09 2.63 -1.54
C THR G 38 31.46 3.25 -1.35
N THR G 39 32.00 3.12 -0.14
CA THR G 39 33.31 3.66 0.22
C THR G 39 34.43 3.22 -0.71
N THR G 40 35.50 3.99 -0.72
CA THR G 40 36.67 3.69 -1.56
C THR G 40 37.72 2.89 -0.80
N PRO G 41 38.47 2.04 -1.52
CA PRO G 41 39.52 1.20 -0.94
C PRO G 41 40.74 1.97 -0.45
N LYS G 42 41.79 1.25 -0.10
CA LYS G 42 43.03 1.85 0.38
C LYS G 42 43.82 2.56 -0.72
N LYS G 43 45.11 2.74 -0.47
CA LYS G 43 46.01 3.41 -1.40
C LYS G 43 46.43 2.53 -2.58
N PRO G 44 46.74 1.25 -2.33
CA PRO G 44 47.15 0.35 -3.42
C PRO G 44 46.08 0.07 -4.47
N ASN G 45 44.83 -0.09 -4.03
CA ASN G 45 43.75 -0.36 -4.96
C ASN G 45 42.80 0.82 -5.18
N SER G 46 41.91 0.67 -6.16
CA SER G 46 40.94 1.69 -6.50
C SER G 46 39.56 1.05 -6.64
N ALA G 47 38.64 1.75 -7.31
CA ALA G 47 37.29 1.26 -7.53
C ALA G 47 36.50 1.22 -6.22
N LEU G 48 35.29 1.78 -6.24
CA LEU G 48 34.43 1.81 -5.06
C LEU G 48 33.70 0.48 -4.82
N ARG G 49 33.85 -0.04 -3.60
CA ARG G 49 33.20 -1.29 -3.22
C ARG G 49 31.90 -1.00 -2.48
N LYS G 50 31.08 -2.03 -2.28
CA LYS G 50 29.82 -1.86 -1.56
C LYS G 50 29.90 -2.39 -0.14
N VAL G 51 29.36 -1.62 0.80
CA VAL G 51 29.35 -2.01 2.20
C VAL G 51 28.03 -1.57 2.83
N CYS G 52 27.88 -1.78 4.14
CA CYS G 52 26.65 -1.39 4.82
C CYS G 52 26.71 -1.63 6.32
N ARG G 53 26.27 -0.64 7.09
CA ARG G 53 26.24 -0.74 8.54
C ARG G 53 25.14 -1.72 8.93
N VAL G 54 25.43 -2.59 9.89
CA VAL G 54 24.45 -3.57 10.33
C VAL G 54 24.17 -3.45 11.82
N ARG G 55 22.90 -3.54 12.19
CA ARG G 55 22.48 -3.43 13.58
C ARG G 55 22.26 -4.83 14.15
N LEU G 56 23.34 -5.59 14.29
CA LEU G 56 23.30 -6.96 14.81
C LEU G 56 22.27 -7.15 15.92
N THR G 57 21.72 -8.36 15.98
CA THR G 57 20.72 -8.72 16.97
C THR G 57 21.17 -8.41 18.40
N ASN G 58 22.48 -8.43 18.63
CA ASN G 58 23.02 -8.15 19.95
C ASN G 58 23.34 -6.66 20.13
N GLY G 59 22.70 -5.84 19.31
CA GLY G 59 22.92 -4.40 19.39
C GLY G 59 24.20 -3.95 18.70
N PHE G 60 25.28 -4.69 18.94
CA PHE G 60 26.59 -4.38 18.36
C PHE G 60 26.51 -4.04 16.87
N GLU G 61 26.53 -2.74 16.58
CA GLU G 61 26.48 -2.28 15.20
C GLU G 61 27.83 -2.53 14.53
N VAL G 62 27.82 -2.64 13.20
CA VAL G 62 29.04 -2.89 12.45
C VAL G 62 28.76 -3.00 10.96
N THR G 63 29.67 -2.48 10.15
CA THR G 63 29.52 -2.52 8.70
C THR G 63 30.04 -3.83 8.11
N SER G 64 29.20 -4.47 7.30
CA SER G 64 29.55 -5.73 6.66
C SER G 64 29.73 -5.56 5.16
N TYR G 65 30.62 -6.37 4.58
CA TYR G 65 30.87 -6.31 3.15
C TYR G 65 29.77 -7.04 2.40
N ILE G 66 29.44 -6.55 1.21
CA ILE G 66 28.39 -7.15 0.40
C ILE G 66 28.95 -7.67 -0.92
N GLY G 67 29.92 -8.57 -0.82
CA GLY G 67 30.55 -9.13 -2.00
C GLY G 67 29.58 -9.58 -3.08
N GLY G 68 30.12 -9.93 -4.25
CA GLY G 68 29.29 -10.37 -5.35
C GLY G 68 29.19 -9.33 -6.45
N GLU G 69 29.01 -9.80 -7.68
CA GLU G 69 28.89 -8.90 -8.84
C GLU G 69 27.46 -8.46 -9.05
N GLY G 70 26.84 -7.91 -7.99
CA GLY G 70 25.47 -7.45 -8.09
C GLY G 70 24.80 -7.31 -6.75
N HIS G 71 24.82 -6.10 -6.20
CA HIS G 71 24.21 -5.83 -4.90
C HIS G 71 22.69 -5.78 -5.08
N ASN G 72 21.96 -5.78 -3.97
CA ASN G 72 20.50 -5.72 -4.00
C ASN G 72 19.91 -5.62 -2.60
N LEU G 73 20.59 -4.87 -1.73
CA LEU G 73 20.12 -4.69 -0.37
C LEU G 73 19.45 -3.33 -0.22
N GLN G 74 18.62 -3.20 0.82
CA GLN G 74 17.91 -1.96 1.07
C GLN G 74 18.34 -1.37 2.42
N GLU G 75 17.85 -0.17 2.72
CA GLU G 75 18.18 0.50 3.97
C GLU G 75 17.39 -0.04 5.16
N HIS G 76 16.76 -1.21 4.96
CA HIS G 76 15.97 -1.83 6.01
C HIS G 76 15.98 -3.35 5.88
N SER G 77 16.43 -3.84 4.73
CA SER G 77 16.49 -5.28 4.47
C SER G 77 17.30 -6.00 5.55
N VAL G 78 16.88 -7.21 5.88
CA VAL G 78 17.56 -8.00 6.90
C VAL G 78 18.58 -8.96 6.27
N ILE G 79 19.84 -8.80 6.65
CA ILE G 79 20.91 -9.64 6.13
C ILE G 79 21.55 -10.46 7.25
N LEU G 80 22.47 -11.33 6.90
CA LEU G 80 23.14 -12.18 7.88
C LEU G 80 24.65 -12.02 7.80
N ILE G 81 25.27 -11.53 8.86
CA ILE G 81 26.72 -11.35 8.89
C ILE G 81 27.40 -12.70 9.06
N ARG G 82 28.59 -12.85 8.48
CA ARG G 82 29.34 -14.09 8.55
C ARG G 82 30.73 -13.92 9.16
N GLY G 83 31.55 -13.07 8.53
CA GLY G 83 32.88 -12.83 9.03
C GLY G 83 33.87 -12.50 7.93
N GLY G 84 35.09 -12.99 8.06
CA GLY G 84 36.12 -12.73 7.06
C GLY G 84 36.25 -11.25 6.76
N ARG G 85 37.22 -10.60 7.38
CA ARG G 85 37.44 -9.17 7.17
C ARG G 85 37.79 -8.86 5.71
N VAL G 86 38.08 -7.59 5.46
CA VAL G 86 38.45 -7.13 4.13
C VAL G 86 39.54 -6.07 4.30
N LYS G 87 40.62 -6.20 3.52
CA LYS G 87 41.73 -5.28 3.60
C LYS G 87 41.38 -3.88 3.10
N ASP G 88 41.26 -3.74 1.78
CA ASP G 88 40.94 -2.46 1.16
C ASP G 88 39.92 -1.65 1.96
N LEU G 89 39.01 -2.34 2.64
CA LEU G 89 37.99 -1.68 3.45
C LEU G 89 38.26 -1.84 4.94
N PRO G 90 38.82 -0.80 5.59
CA PRO G 90 39.11 -0.84 7.01
C PRO G 90 37.85 -0.80 7.86
N GLY G 91 37.91 -1.35 9.06
CA GLY G 91 36.75 -1.37 9.93
C GLY G 91 35.69 -2.32 9.42
N VAL G 92 35.79 -2.68 8.15
CA VAL G 92 34.84 -3.60 7.53
C VAL G 92 35.38 -5.02 7.62
N ARG G 93 35.23 -5.62 8.79
CA ARG G 93 35.71 -6.98 9.02
C ARG G 93 34.60 -8.02 9.01
N TYR G 94 33.62 -7.82 8.13
CA TYR G 94 32.50 -8.75 8.01
C TYR G 94 31.93 -8.77 6.60
N HIS G 95 31.11 -9.78 6.31
CA HIS G 95 30.50 -9.92 5.00
C HIS G 95 29.08 -10.46 5.16
N THR G 96 28.15 -9.91 4.37
CA THR G 96 26.76 -10.34 4.43
C THR G 96 26.55 -11.63 3.65
N VAL G 97 25.97 -12.63 4.30
CA VAL G 97 25.70 -13.92 3.68
C VAL G 97 24.92 -13.73 2.38
N ARG G 98 25.37 -14.40 1.32
CA ARG G 98 24.71 -14.31 0.03
C ARG G 98 23.65 -15.40 -0.11
N GLY G 99 22.39 -14.99 -0.20
CA GLY G 99 21.32 -15.95 -0.34
C GLY G 99 20.79 -16.41 1.01
N ALA G 100 20.45 -15.46 1.87
CA ALA G 100 19.93 -15.77 3.19
C ALA G 100 19.11 -14.61 3.74
N LEU G 101 18.15 -14.92 4.62
CA LEU G 101 17.29 -13.89 5.20
C LEU G 101 16.61 -13.04 4.15
N ASP G 102 16.44 -11.75 4.46
CA ASP G 102 15.78 -10.84 3.53
C ASP G 102 16.72 -10.19 2.52
N CYS G 103 17.84 -10.87 2.25
CA CYS G 103 18.82 -10.35 1.28
C CYS G 103 18.55 -11.01 -0.06
N SER G 104 19.47 -10.84 -1.00
CA SER G 104 19.32 -11.44 -2.32
C SER G 104 20.47 -12.41 -2.60
N GLY G 105 21.08 -12.29 -3.77
CA GLY G 105 22.18 -13.14 -4.14
C GLY G 105 22.61 -12.87 -5.57
N VAL G 106 23.91 -12.98 -5.83
CA VAL G 106 24.44 -12.75 -7.16
C VAL G 106 23.54 -13.36 -8.23
N LYS G 107 23.47 -12.71 -9.38
CA LYS G 107 22.64 -13.18 -10.47
C LYS G 107 23.49 -13.63 -11.67
N ASP G 108 22.98 -14.62 -12.40
CA ASP G 108 23.65 -15.15 -13.57
C ASP G 108 25.00 -15.80 -13.31
N ARG G 109 25.36 -15.97 -12.04
CA ARG G 109 26.62 -16.60 -11.67
C ARG G 109 26.51 -18.11 -11.85
N LYS G 110 27.44 -18.69 -12.60
CA LYS G 110 27.44 -20.13 -12.84
C LYS G 110 28.64 -20.86 -12.25
N GLN G 111 29.58 -20.10 -11.70
CA GLN G 111 30.76 -20.69 -11.09
C GLN G 111 30.77 -20.38 -9.59
N ALA G 112 31.16 -21.37 -8.79
CA ALA G 112 31.19 -21.22 -7.35
C ALA G 112 29.80 -20.89 -6.82
N ARG G 113 28.82 -21.68 -7.24
CA ARG G 113 27.43 -21.47 -6.82
C ARG G 113 27.24 -21.49 -5.31
N SER G 114 27.93 -22.39 -4.61
CA SER G 114 27.82 -22.46 -3.15
C SER G 114 27.91 -21.04 -2.60
N LYS G 115 29.04 -20.40 -2.87
CA LYS G 115 29.26 -19.03 -2.43
C LYS G 115 28.29 -18.19 -3.27
N TYR G 116 27.97 -17.00 -2.79
CA TYR G 116 27.06 -16.11 -3.50
C TYR G 116 25.64 -16.68 -3.56
N GLY G 117 24.76 -16.01 -4.29
CA GLY G 117 23.39 -16.48 -4.39
C GLY G 117 23.00 -17.15 -5.69
N VAL G 118 23.18 -18.46 -5.77
CA VAL G 118 22.86 -19.25 -6.94
C VAL G 118 22.71 -20.72 -6.59
N LYS G 119 21.71 -21.37 -7.15
CA LYS G 119 21.46 -22.79 -6.90
C LYS G 119 20.98 -23.51 -8.15
N ARG G 120 21.91 -24.23 -8.80
CA ARG G 120 21.62 -24.97 -10.03
C ARG G 120 20.94 -24.09 -11.07
N PRO G 121 21.71 -23.61 -12.06
CA PRO G 121 21.25 -22.73 -13.13
C PRO G 121 20.11 -23.30 -13.99
N LYS G 122 19.83 -22.58 -15.07
CA LYS G 122 18.78 -22.95 -16.03
C LYS G 122 19.00 -24.31 -16.68
N ALA G 123 19.99 -25.05 -16.18
CA ALA G 123 20.31 -26.38 -16.70
C ALA G 123 20.80 -26.30 -18.13
N MET H 1 28.96 67.90 7.20
CA MET H 1 27.95 66.96 7.75
C MET H 1 26.80 67.72 8.33
N THR H 2 25.62 67.50 7.71
CA THR H 2 24.35 68.06 8.10
C THR H 2 23.56 66.83 8.47
N LEU H 3 22.50 66.98 9.29
CA LEU H 3 21.68 65.88 9.78
C LEU H 3 21.11 65.08 8.65
N LYS H 4 20.51 65.75 7.65
CA LYS H 4 19.88 65.14 6.50
C LYS H 4 20.76 64.25 5.68
N GLU H 5 22.05 64.62 5.46
CA GLU H 5 22.96 63.81 4.68
C GLU H 5 23.49 62.63 5.45
N LEU H 6 23.62 62.77 6.80
CA LEU H 6 24.00 61.71 7.69
C LEU H 6 22.96 60.66 7.75
N TYR H 7 21.67 61.08 7.85
CA TYR H 7 20.52 60.22 7.87
C TYR H 7 20.42 59.47 6.57
N ALA H 8 20.54 60.12 5.39
CA ALA H 8 20.53 59.47 4.09
C ALA H 8 21.59 58.38 4.00
N GLU H 9 22.81 58.67 4.51
CA GLU H 9 23.93 57.72 4.55
C GLU H 9 23.65 56.58 5.50
N THR H 10 23.11 56.89 6.70
CA THR H 10 22.73 55.99 7.76
C THR H 10 21.69 55.03 7.27
N ARG H 11 20.67 55.53 6.55
CA ARG H 11 19.58 54.76 6.01
C ARG H 11 20.11 53.75 5.02
N SER H 12 21.14 54.13 4.22
CA SER H 12 21.77 53.20 3.31
C SER H 12 22.51 52.11 4.04
N HIS H 13 23.42 52.52 4.95
CA HIS H 13 24.28 51.66 5.75
C HIS H 13 23.56 50.64 6.60
N MET H 14 22.63 51.09 7.45
CA MET H 14 21.75 50.31 8.30
C MET H 14 20.98 49.29 7.57
N GLN H 15 20.47 49.64 6.35
CA GLN H 15 19.75 48.74 5.48
C GLN H 15 20.62 47.59 5.04
N LYS H 16 21.93 47.83 4.79
CA LYS H 16 22.89 46.81 4.41
C LYS H 16 23.14 45.89 5.58
N SER H 17 23.17 46.43 6.82
CA SER H 17 23.32 45.63 8.03
C SER H 17 22.09 44.80 8.30
N LEU H 18 20.89 45.35 8.04
CA LEU H 18 19.62 44.69 8.12
C LEU H 18 19.52 43.59 7.09
N GLU H 19 20.20 43.75 5.93
CA GLU H 19 20.25 42.79 4.86
C GLU H 19 21.16 41.66 5.24
N VAL H 20 22.26 41.98 5.96
CA VAL H 20 23.20 41.05 6.54
C VAL H 20 22.47 40.24 7.59
N LEU H 21 21.49 40.84 8.29
CA LEU H 21 20.65 40.22 9.28
C LEU H 21 19.70 39.22 8.66
N GLU H 22 19.04 39.60 7.54
CA GLU H 22 18.16 38.73 6.76
C GLU H 22 18.89 37.50 6.30
N HIS H 23 20.14 37.73 5.77
CA HIS H 23 21.07 36.73 5.32
C HIS H 23 21.39 35.79 6.43
N ASN H 24 21.87 36.35 7.57
CA ASN H 24 22.23 35.67 8.81
C ASN H 24 21.14 34.78 9.35
N LEU H 25 19.85 35.14 9.16
CA LEU H 25 18.78 34.29 9.63
C LEU H 25 18.53 33.17 8.66
N ALA H 26 18.38 33.49 7.36
CA ALA H 26 18.18 32.56 6.29
C ALA H 26 19.29 31.58 5.98
N GLY H 27 20.53 31.89 6.47
CA GLY H 27 21.76 31.30 6.01
C GLY H 27 22.37 30.19 6.78
N LEU H 28 21.60 29.45 7.60
CA LEU H 28 22.14 28.29 8.29
C LEU H 28 21.37 27.11 7.79
N ARG H 29 20.54 27.29 6.73
CA ARG H 29 19.71 26.28 6.11
C ARG H 29 18.54 26.07 7.02
N THR H 30 18.33 27.05 7.94
CA THR H 30 17.28 27.21 8.92
C THR H 30 16.92 25.92 9.65
N GLY H 31 15.74 25.87 10.30
CA GLY H 31 15.33 24.72 11.07
C GLY H 31 14.70 23.67 10.23
N ARG H 32 15.55 22.91 9.49
CA ARG H 32 15.33 21.78 8.62
C ARG H 32 13.89 21.40 8.40
N ALA H 33 13.34 21.95 7.29
CA ALA H 33 11.99 21.88 6.81
C ALA H 33 11.60 23.33 6.75
N ASN H 34 11.97 24.03 5.66
CA ASN H 34 11.74 25.46 5.56
C ASN H 34 11.75 25.82 4.10
N PRO H 35 11.40 27.06 3.77
CA PRO H 35 11.62 27.61 2.44
C PRO H 35 13.05 28.08 2.38
N ALA H 36 13.52 28.75 3.47
CA ALA H 36 14.87 29.28 3.61
C ALA H 36 15.93 28.20 3.59
N LEU H 37 15.51 26.94 3.81
CA LEU H 37 16.28 25.73 3.70
C LEU H 37 16.85 25.61 2.32
N LEU H 38 16.01 25.95 1.33
CA LEU H 38 16.19 25.66 -0.06
C LEU H 38 16.80 26.77 -0.86
N LEU H 39 17.24 27.88 -0.22
CA LEU H 39 17.89 28.96 -0.94
C LEU H 39 19.38 28.82 -0.79
N HIS H 40 19.81 27.62 -0.30
CA HIS H 40 21.17 27.17 -0.24
C HIS H 40 21.32 26.21 -1.37
N LEU H 41 20.40 26.29 -2.35
CA LEU H 41 20.34 25.47 -3.49
C LEU H 41 19.62 26.32 -4.49
N LYS H 42 20.37 27.34 -4.99
CA LYS H 42 20.00 28.24 -6.05
C LYS H 42 20.05 27.42 -7.29
N VAL H 43 18.92 27.34 -8.04
CA VAL H 43 18.79 26.34 -9.06
C VAL H 43 18.94 27.08 -10.33
N GLU H 44 19.72 26.47 -11.21
CA GLU H 44 20.15 26.94 -12.48
C GLU H 44 19.04 26.84 -13.48
N TYR H 45 18.51 27.99 -13.96
CA TYR H 45 17.39 28.04 -14.88
C TYR H 45 17.64 29.09 -15.91
N TYR H 46 17.62 28.65 -17.20
CA TYR H 46 17.76 29.46 -18.40
C TYR H 46 19.17 29.86 -18.61
N GLY H 47 20.11 29.14 -17.95
CA GLY H 47 21.51 29.46 -17.97
C GLY H 47 21.80 30.51 -16.94
N ALA H 48 20.77 30.91 -16.13
CA ALA H 48 20.94 31.87 -15.08
C ALA H 48 20.97 31.07 -13.82
N HIS H 49 21.43 31.70 -12.73
CA HIS H 49 21.60 31.09 -11.44
C HIS H 49 20.50 31.66 -10.60
N VAL H 50 19.28 31.12 -10.80
CA VAL H 50 18.06 31.71 -10.31
C VAL H 50 17.69 31.32 -8.87
N PRO H 51 17.22 32.32 -8.11
CA PRO H 51 16.65 32.21 -6.78
C PRO H 51 15.40 31.35 -6.73
N LEU H 52 15.22 30.67 -5.58
CA LEU H 52 14.30 29.63 -5.20
C LEU H 52 12.87 29.87 -5.67
N ASN H 53 12.36 31.12 -5.56
CA ASN H 53 10.99 31.47 -5.85
C ASN H 53 10.56 31.15 -7.27
N GLN H 54 11.47 31.29 -8.28
CA GLN H 54 11.16 31.07 -9.67
C GLN H 54 10.97 29.60 -10.04
N ILE H 55 11.31 28.63 -9.14
CA ILE H 55 11.18 27.22 -9.46
C ILE H 55 10.22 26.53 -8.52
N ALA H 56 9.83 27.13 -7.36
CA ALA H 56 8.91 26.45 -6.49
C ALA H 56 8.27 27.41 -5.52
N THR H 57 7.27 26.86 -4.79
CA THR H 57 6.50 27.48 -3.75
C THR H 57 6.72 26.54 -2.59
N VAL H 58 6.69 27.04 -1.33
CA VAL H 58 6.96 26.23 -0.18
C VAL H 58 5.92 26.56 0.86
N THR H 59 5.07 25.55 1.19
CA THR H 59 4.01 25.60 2.15
C THR H 59 4.38 24.66 3.27
N ALA H 60 3.75 24.79 4.47
CA ALA H 60 4.08 23.94 5.58
C ALA H 60 2.82 23.67 6.36
N PRO H 61 2.49 22.43 6.74
CA PRO H 61 1.28 22.15 7.49
C PRO H 61 1.63 21.95 8.95
N ASP H 62 2.88 21.55 9.28
CA ASP H 62 3.27 21.27 10.65
C ASP H 62 4.79 21.29 10.66
N PRO H 63 5.49 21.31 11.80
CA PRO H 63 6.95 21.37 11.85
C PRO H 63 7.66 20.13 11.39
N ARG H 64 6.94 19.00 11.18
CA ARG H 64 7.54 17.72 10.90
C ARG H 64 7.40 17.33 9.44
N THR H 65 6.54 18.07 8.69
CA THR H 65 6.36 17.86 7.27
C THR H 65 6.76 19.17 6.68
N LEU H 66 7.15 19.15 5.40
CA LEU H 66 7.45 20.33 4.63
C LEU H 66 6.85 19.97 3.33
N VAL H 67 5.97 20.82 2.77
CA VAL H 67 5.39 20.48 1.50
C VAL H 67 6.04 21.47 0.59
N VAL H 68 6.58 20.99 -0.56
CA VAL H 68 7.21 21.89 -1.49
C VAL H 68 6.46 21.76 -2.77
N GLN H 69 5.61 22.75 -3.13
CA GLN H 69 4.84 22.66 -4.34
C GLN H 69 5.58 23.22 -5.52
N SER H 70 5.64 22.38 -6.58
CA SER H 70 6.22 22.64 -7.86
C SER H 70 5.19 22.32 -8.88
N TRP H 71 4.69 23.34 -9.60
CA TRP H 71 3.61 23.26 -10.57
C TRP H 71 3.78 22.17 -11.62
N ASP H 72 5.02 21.92 -12.12
CA ASP H 72 5.29 20.89 -13.09
C ASP H 72 5.97 19.73 -12.42
N GLN H 73 5.83 18.55 -13.04
CA GLN H 73 6.38 17.28 -12.63
C GLN H 73 7.90 17.27 -12.61
N ASN H 74 8.50 18.01 -13.58
CA ASN H 74 9.93 18.14 -13.78
C ASN H 74 10.56 19.01 -12.73
N ALA H 75 9.85 20.11 -12.42
CA ALA H 75 10.21 21.13 -11.50
C ALA H 75 10.37 20.60 -10.10
N LEU H 76 9.50 19.65 -9.68
CA LEU H 76 9.51 19.07 -8.36
C LEU H 76 10.81 18.40 -8.01
N LYS H 77 11.40 17.76 -9.02
CA LYS H 77 12.70 17.18 -8.99
C LYS H 77 13.79 18.20 -8.78
N ALA H 78 13.82 19.29 -9.59
CA ALA H 78 14.93 20.23 -9.50
C ALA H 78 14.96 21.05 -8.21
N ILE H 79 13.80 21.16 -7.52
CA ILE H 79 13.64 21.60 -6.14
C ILE H 79 14.09 20.57 -5.15
N GLU H 80 13.96 19.27 -5.51
CA GLU H 80 14.12 18.07 -4.71
C GLU H 80 15.53 17.98 -4.26
N LYS H 81 16.49 18.44 -5.09
CA LYS H 81 17.87 18.52 -4.62
C LYS H 81 18.10 19.62 -3.59
N ALA H 82 17.06 20.19 -2.94
CA ALA H 82 17.30 21.22 -1.98
C ALA H 82 16.57 20.84 -0.75
N ILE H 83 15.38 20.19 -0.84
CA ILE H 83 14.83 19.47 0.28
C ILE H 83 15.76 18.40 0.80
N ARG H 84 16.38 17.62 -0.13
CA ARG H 84 17.31 16.55 0.16
C ARG H 84 18.63 17.08 0.68
N ASP H 85 19.76 16.77 0.00
CA ASP H 85 21.13 17.06 0.42
C ASP H 85 21.44 16.38 1.74
N SER H 86 22.27 17.01 2.60
CA SER H 86 22.66 16.41 3.86
C SER H 86 23.01 17.53 4.81
N ASP H 87 23.01 18.79 4.33
CA ASP H 87 23.19 19.97 5.14
C ASP H 87 21.89 20.73 5.06
N LEU H 88 21.03 20.34 4.08
CA LEU H 88 19.67 20.79 3.95
C LEU H 88 18.84 19.53 4.18
N GLY H 89 19.53 18.40 4.50
CA GLY H 89 19.09 17.03 4.73
C GLY H 89 17.67 16.82 5.15
N LEU H 90 16.96 15.97 4.37
CA LEU H 90 15.63 15.48 4.59
C LEU H 90 15.52 14.28 3.67
N ASN H 91 14.38 13.54 3.72
CA ASN H 91 14.12 12.39 2.87
C ASN H 91 12.73 12.58 2.30
N PRO H 92 12.53 13.22 1.14
CA PRO H 92 11.21 13.53 0.60
C PRO H 92 10.44 12.35 0.05
N SER H 93 9.09 12.46 0.12
CA SER H 93 8.10 11.55 -0.42
C SER H 93 7.24 12.35 -1.34
N ASN H 94 6.75 11.76 -2.45
CA ASN H 94 5.92 12.39 -3.43
C ASN H 94 4.46 12.32 -3.01
N LYS H 95 3.84 13.49 -2.71
CA LYS H 95 2.47 13.60 -2.25
C LYS H 95 2.04 14.98 -2.68
N GLY H 96 1.31 15.02 -3.81
CA GLY H 96 0.86 16.18 -4.52
C GLY H 96 1.71 16.19 -5.76
N ASP H 97 1.87 17.39 -6.35
CA ASP H 97 2.91 17.63 -7.34
C ASP H 97 3.94 18.34 -6.50
N ALA H 98 4.04 17.88 -5.23
CA ALA H 98 4.76 18.47 -4.17
C ALA H 98 5.30 17.34 -3.39
N LEU H 99 6.39 17.57 -2.64
CA LEU H 99 6.91 16.55 -1.78
C LEU H 99 6.42 16.86 -0.39
N TYR H 100 5.86 15.85 0.31
CA TYR H 100 5.51 15.74 1.73
C TYR H 100 6.65 14.94 2.28
N ILE H 101 7.29 15.45 3.35
CA ILE H 101 8.63 15.05 3.70
C ILE H 101 8.77 14.54 5.10
N ASN H 102 9.07 13.22 5.20
CA ASN H 102 9.30 12.47 6.42
C ASN H 102 10.71 12.82 6.86
N ILE H 103 10.91 12.95 8.19
CA ILE H 103 12.14 13.41 8.79
C ILE H 103 13.04 12.27 9.27
N PRO H 104 14.29 12.19 8.82
CA PRO H 104 15.23 11.15 9.23
C PRO H 104 15.87 11.19 10.61
N PRO H 105 16.02 12.22 11.47
CA PRO H 105 16.86 12.07 12.66
C PRO H 105 16.31 11.25 13.80
N LEU H 106 15.34 11.78 14.58
CA LEU H 106 14.70 11.09 15.67
C LEU H 106 13.65 12.06 16.07
N THR H 107 12.73 12.37 15.12
CA THR H 107 11.68 13.35 15.23
C THR H 107 12.37 14.71 15.19
N GLU H 108 13.40 14.81 14.30
CA GLU H 108 14.28 15.93 14.07
C GLU H 108 15.21 16.20 15.22
N GLU H 109 16.43 16.67 14.89
CA GLU H 109 17.41 17.08 15.87
C GLU H 109 18.45 17.90 15.13
N ARG H 110 18.43 17.88 13.78
CA ARG H 110 19.31 18.66 12.95
C ARG H 110 18.74 20.04 12.78
N ARG H 111 17.43 20.19 13.09
CA ARG H 111 16.71 21.43 13.08
C ARG H 111 17.12 22.28 14.25
N LYS H 112 17.50 21.68 15.40
CA LYS H 112 17.87 22.41 16.58
C LYS H 112 19.19 23.08 16.48
N ASP H 113 20.26 22.32 16.12
CA ASP H 113 21.62 22.79 15.97
C ASP H 113 21.78 23.95 15.00
N LEU H 114 20.77 24.10 14.12
CA LEU H 114 20.69 25.11 13.11
C LEU H 114 19.92 26.27 13.64
N VAL H 115 18.77 26.05 14.32
CA VAL H 115 17.89 27.10 14.83
C VAL H 115 18.56 27.93 15.88
N ARG H 116 19.42 27.35 16.75
CA ARG H 116 20.15 28.14 17.72
C ARG H 116 21.14 29.05 17.04
N ALA H 117 21.84 28.54 16.01
CA ALA H 117 22.75 29.26 15.18
C ALA H 117 22.08 30.42 14.48
N VAL H 118 20.85 30.22 13.92
CA VAL H 118 20.03 31.20 13.25
C VAL H 118 19.77 32.38 14.15
N ARG H 119 19.29 32.16 15.40
CA ARG H 119 19.00 33.21 16.34
C ARG H 119 20.21 33.97 16.82
N GLN H 120 21.38 33.28 16.93
CA GLN H 120 22.62 33.90 17.32
C GLN H 120 23.16 34.79 16.23
N TYR H 121 23.04 34.33 14.97
CA TYR H 121 23.46 34.99 13.76
C TYR H 121 22.61 36.21 13.51
N ALA H 122 21.30 36.13 13.85
CA ALA H 122 20.34 37.21 13.77
C ALA H 122 20.80 38.36 14.60
N GLU H 123 21.21 38.05 15.86
CA GLU H 123 21.75 39.03 16.80
C GLU H 123 23.06 39.62 16.31
N GLU H 124 23.90 38.87 15.57
CA GLU H 124 25.13 39.39 14.95
C GLU H 124 24.80 40.45 13.92
N GLY H 125 23.63 40.28 13.25
CA GLY H 125 23.08 41.20 12.29
C GLY H 125 22.66 42.45 12.99
N ARG H 126 21.91 42.35 14.12
CA ARG H 126 21.44 43.46 14.92
C ARG H 126 22.57 44.29 15.47
N VAL H 127 23.65 43.60 15.93
CA VAL H 127 24.89 44.14 16.43
C VAL H 127 25.53 44.97 15.35
N ALA H 128 25.49 44.49 14.09
CA ALA H 128 26.01 45.20 12.94
C ALA H 128 25.25 46.48 12.72
N ILE H 129 23.90 46.50 12.86
CA ILE H 129 23.07 47.70 12.69
C ILE H 129 23.44 48.67 13.80
N ARG H 130 23.62 48.18 15.05
CA ARG H 130 24.04 48.97 16.18
C ARG H 130 25.44 49.54 16.06
N ASN H 131 26.38 48.85 15.38
CA ASN H 131 27.74 49.32 15.13
C ASN H 131 27.72 50.42 14.09
N ILE H 132 26.73 50.35 13.18
CA ILE H 132 26.46 51.34 12.15
C ILE H 132 25.90 52.56 12.81
N ARG H 133 25.06 52.38 13.87
CA ARG H 133 24.56 53.46 14.70
C ARG H 133 25.72 54.17 15.34
N ARG H 134 26.73 53.41 15.85
CA ARG H 134 27.95 53.90 16.43
C ARG H 134 28.71 54.76 15.46
N GLU H 135 28.83 54.32 14.18
CA GLU H 135 29.50 55.05 13.12
C GLU H 135 28.75 56.32 12.76
N ALA H 136 27.41 56.25 12.75
CA ALA H 136 26.49 57.32 12.49
C ALA H 136 26.58 58.37 13.56
N LEU H 137 26.78 57.90 14.81
CA LEU H 137 26.96 58.63 16.05
C LEU H 137 28.26 59.36 16.00
N ASP H 138 29.32 58.72 15.46
CA ASP H 138 30.64 59.28 15.28
C ASP H 138 30.57 60.47 14.36
N LYS H 139 29.81 60.31 13.26
CA LYS H 139 29.50 61.35 12.31
C LYS H 139 28.63 62.42 12.91
N LEU H 140 27.73 62.04 13.86
CA LEU H 140 26.82 62.93 14.54
C LEU H 140 27.59 63.84 15.47
N LYS H 141 28.71 63.35 16.03
CA LYS H 141 29.65 64.06 16.84
C LYS H 141 30.34 65.14 16.04
N LYS H 142 30.75 64.82 14.78
CA LYS H 142 31.39 65.76 13.88
C LYS H 142 30.43 66.86 13.45
N LEU H 143 29.18 66.45 13.11
CA LEU H 143 28.05 67.28 12.72
C LEU H 143 27.73 68.25 13.83
N ALA H 144 27.80 67.77 15.09
CA ALA H 144 27.51 68.50 16.28
C ALA H 144 28.47 69.63 16.44
N LYS H 145 29.79 69.39 16.27
CA LYS H 145 30.78 70.43 16.32
C LYS H 145 30.56 71.44 15.22
N GLU H 146 30.26 70.95 13.99
CA GLU H 146 30.06 71.82 12.84
C GLU H 146 28.86 72.75 12.95
N LEU H 147 27.71 72.28 13.48
CA LEU H 147 26.52 73.11 13.63
C LEU H 147 26.39 73.64 15.02
N HIS H 148 27.40 73.39 15.88
CA HIS H 148 27.51 73.86 17.23
C HIS H 148 26.38 73.42 18.12
N LEU H 149 26.10 72.09 18.04
CA LEU H 149 25.17 71.37 18.87
C LEU H 149 26.00 70.90 20.02
N SER H 150 25.48 71.05 21.26
CA SER H 150 26.16 70.68 22.48
C SER H 150 26.18 69.17 22.65
N GLU H 151 26.81 68.70 23.75
CA GLU H 151 26.94 67.30 24.10
C GLU H 151 25.58 66.67 24.30
N ASP H 152 24.67 67.38 25.01
CA ASP H 152 23.31 66.93 25.28
C ASP H 152 22.48 66.84 24.01
N GLU H 153 22.67 67.80 23.08
CA GLU H 153 22.00 67.86 21.81
C GLU H 153 22.41 66.73 20.90
N THR H 154 23.73 66.46 20.81
CA THR H 154 24.26 65.41 19.98
C THR H 154 23.87 64.07 20.53
N LYS H 155 23.89 63.87 21.88
CA LYS H 155 23.48 62.63 22.49
C LYS H 155 22.02 62.35 22.32
N ARG H 156 21.17 63.39 22.22
CA ARG H 156 19.75 63.24 21.94
C ARG H 156 19.58 62.84 20.50
N ALA H 157 20.39 63.43 19.60
CA ALA H 157 20.37 63.14 18.19
C ALA H 157 20.88 61.75 17.89
N GLU H 158 21.84 61.24 18.71
CA GLU H 158 22.43 59.93 18.67
C GLU H 158 21.41 58.91 19.08
N ALA H 159 20.62 59.26 20.13
CA ALA H 159 19.51 58.51 20.64
C ALA H 159 18.46 58.37 19.59
N GLU H 160 18.30 59.41 18.72
CA GLU H 160 17.38 59.42 17.61
C GLU H 160 17.83 58.45 16.55
N ILE H 161 19.17 58.34 16.29
CA ILE H 161 19.75 57.39 15.36
C ILE H 161 19.51 56.01 15.93
N GLN H 162 19.65 55.86 17.26
CA GLN H 162 19.39 54.64 17.99
C GLN H 162 17.94 54.22 17.84
N LYS H 163 16.98 55.17 17.82
CA LYS H 163 15.58 54.90 17.61
C LYS H 163 15.32 54.41 16.20
N ILE H 164 16.07 54.93 15.20
CA ILE H 164 16.02 54.57 13.79
C ILE H 164 16.56 53.16 13.63
N THR H 165 17.67 52.83 14.35
CA THR H 165 18.27 51.52 14.49
C THR H 165 17.23 50.55 14.96
N ASP H 166 16.48 50.93 16.02
CA ASP H 166 15.45 50.20 16.72
C ASP H 166 14.27 49.90 15.84
N GLU H 167 14.05 50.68 14.75
CA GLU H 167 13.02 50.40 13.78
C GLU H 167 13.46 49.18 13.00
N PHE H 168 14.78 49.11 12.69
CA PHE H 168 15.40 48.03 11.96
C PHE H 168 15.60 46.82 12.85
N ILE H 169 15.72 47.02 14.19
CA ILE H 169 15.74 45.99 15.22
C ILE H 169 14.36 45.38 15.24
N ALA H 170 13.29 46.20 15.20
CA ALA H 170 11.90 45.78 15.20
C ALA H 170 11.63 44.93 13.99
N LYS H 171 12.21 45.33 12.83
CA LYS H 171 12.12 44.63 11.57
C LYS H 171 12.94 43.37 11.64
N ALA H 172 14.06 43.38 12.39
CA ALA H 172 14.94 42.25 12.60
C ALA H 172 14.19 41.18 13.32
N ASP H 173 13.47 41.56 14.40
CA ASP H 173 12.60 40.70 15.17
C ASP H 173 11.52 40.11 14.31
N GLN H 174 10.89 40.91 13.43
CA GLN H 174 9.88 40.51 12.47
C GLN H 174 10.39 39.50 11.46
N LEU H 175 11.63 39.70 10.97
CA LEU H 175 12.34 38.85 10.01
C LEU H 175 12.52 37.50 10.64
N ALA H 176 13.06 37.49 11.87
CA ALA H 176 13.31 36.34 12.71
C ALA H 176 12.04 35.58 12.92
N GLU H 177 10.97 36.27 13.34
CA GLU H 177 9.63 35.76 13.58
C GLU H 177 9.05 35.07 12.37
N LYS H 178 9.35 35.56 11.14
CA LYS H 178 8.92 34.93 9.91
C LYS H 178 9.67 33.63 9.69
N LYS H 179 10.99 33.60 9.96
CA LYS H 179 11.82 32.40 9.90
C LYS H 179 11.39 31.41 10.94
N GLU H 180 10.84 31.87 12.10
CA GLU H 180 10.33 31.05 13.18
C GLU H 180 9.16 30.24 12.70
N GLN H 181 8.26 30.84 11.89
CA GLN H 181 7.09 30.16 11.34
C GLN H 181 7.51 29.10 10.32
N GLU H 182 8.67 29.30 9.66
CA GLU H 182 9.28 28.37 8.74
C GLU H 182 9.83 27.18 9.47
N ILE H 183 10.50 27.45 10.62
CA ILE H 183 11.11 26.49 11.52
C ILE H 183 10.02 25.64 12.12
N LEU H 184 8.88 26.28 12.49
CA LEU H 184 7.66 25.66 12.96
C LEU H 184 6.84 25.19 11.78
N GLY H 185 7.50 24.89 10.66
CA GLY H 185 6.92 24.40 9.44
C GLY H 185 7.92 23.43 8.82
N ALA I 1 -14.33 -39.26 9.07
CA ALA I 1 -14.62 -39.59 7.65
C ALA I 1 -15.97 -39.02 7.28
N ARG I 2 -16.83 -39.85 6.65
CA ARG I 2 -18.15 -39.43 6.26
C ARG I 2 -18.92 -40.69 6.06
N THR I 3 -20.26 -40.57 6.04
CA THR I 3 -21.16 -41.68 5.83
C THR I 3 -22.23 -41.21 4.89
N THR I 4 -22.45 -39.87 4.82
CA THR I 4 -23.43 -39.30 3.94
C THR I 4 -22.72 -39.00 2.63
N PRO I 5 -23.23 -39.41 1.46
CA PRO I 5 -22.71 -39.10 0.15
C PRO I 5 -22.52 -37.64 -0.15
N ILE I 6 -21.97 -37.35 -1.36
CA ILE I 6 -21.76 -36.04 -1.94
C ILE I 6 -23.07 -35.29 -2.00
N ALA I 7 -24.16 -35.97 -2.45
CA ALA I 7 -25.48 -35.41 -2.55
C ALA I 7 -26.04 -35.00 -1.22
N ARG I 8 -25.66 -35.74 -0.14
CA ARG I 8 -26.15 -35.54 1.20
C ARG I 8 -25.11 -34.80 2.01
N TYR I 9 -24.37 -33.93 1.30
CA TYR I 9 -23.49 -32.89 1.71
C TYR I 9 -24.10 -31.75 0.96
N ARG I 10 -24.18 -30.52 1.51
CA ARG I 10 -24.85 -29.44 0.84
C ARG I 10 -23.87 -28.34 0.99
N ASN I 11 -23.12 -27.97 -0.08
CA ASN I 11 -22.25 -26.82 0.05
C ASN I 11 -23.07 -25.67 -0.41
N ILE I 12 -23.43 -24.83 0.59
CA ILE I 12 -24.35 -23.74 0.42
C ILE I 12 -23.66 -22.55 0.99
N GLY I 13 -24.02 -21.35 0.49
CA GLY I 13 -23.50 -20.11 0.98
C GLY I 13 -24.53 -19.13 1.40
N ILE I 14 -24.13 -18.17 2.27
CA ILE I 14 -24.92 -17.02 2.60
C ILE I 14 -24.17 -15.81 2.09
N SER I 15 -24.74 -15.12 1.06
CA SER I 15 -24.26 -13.88 0.48
C SER I 15 -25.14 -12.83 1.08
N ALA I 16 -24.64 -12.13 2.11
CA ALA I 16 -25.44 -11.20 2.86
C ALA I 16 -24.59 -10.04 3.25
N HIS I 17 -25.10 -8.84 2.92
CA HIS I 17 -24.56 -7.58 3.32
C HIS I 17 -24.88 -7.29 4.76
N ILE I 18 -24.17 -6.28 5.30
CA ILE I 18 -24.16 -5.73 6.64
C ILE I 18 -25.53 -5.27 7.05
N ASP I 19 -26.26 -4.62 6.11
CA ASP I 19 -27.55 -3.99 6.28
C ASP I 19 -28.64 -4.92 6.73
N ALA I 20 -28.50 -6.25 6.49
CA ALA I 20 -29.45 -7.25 6.93
C ALA I 20 -29.28 -7.55 8.40
N GLY I 21 -28.22 -7.04 9.06
CA GLY I 21 -27.99 -7.16 10.47
C GLY I 21 -26.95 -8.20 10.61
N LYS I 22 -25.68 -7.80 10.41
CA LYS I 22 -24.54 -8.67 10.32
C LYS I 22 -24.35 -9.56 11.53
N THR I 23 -24.38 -8.97 12.75
CA THR I 23 -24.17 -9.69 14.00
C THR I 23 -25.24 -10.71 14.29
N THR I 24 -26.51 -10.22 14.28
CA THR I 24 -27.70 -10.93 14.69
C THR I 24 -27.96 -12.14 13.83
N THR I 25 -27.83 -11.95 12.50
CA THR I 25 -28.06 -12.95 11.50
C THR I 25 -27.07 -14.07 11.65
N THR I 26 -25.77 -13.78 11.90
CA THR I 26 -24.75 -14.81 12.02
C THR I 26 -24.97 -15.68 13.24
N GLU I 27 -25.33 -15.07 14.41
CA GLU I 27 -25.61 -15.83 15.62
C GLU I 27 -26.79 -16.76 15.43
N ARG I 28 -27.86 -16.21 14.82
CA ARG I 28 -29.07 -16.95 14.56
C ARG I 28 -28.88 -18.08 13.59
N ILE I 29 -28.04 -17.89 12.54
CA ILE I 29 -27.74 -18.87 11.52
C ILE I 29 -27.02 -20.04 12.13
N LEU I 30 -26.01 -19.78 13.01
CA LEU I 30 -25.26 -20.85 13.67
C LEU I 30 -26.20 -21.72 14.48
N PHE I 31 -27.19 -21.10 15.16
CA PHE I 31 -28.22 -21.82 15.88
C PHE I 31 -29.12 -22.66 14.95
N TYR I 32 -29.65 -22.03 13.89
CA TYR I 32 -30.75 -22.48 13.06
C TYR I 32 -30.61 -23.77 12.28
N THR I 33 -29.38 -24.18 11.89
CA THR I 33 -29.20 -24.90 10.65
C THR I 33 -29.02 -26.39 10.73
N GLY I 34 -29.28 -27.03 11.88
CA GLY I 34 -28.93 -28.42 12.05
C GLY I 34 -28.03 -28.65 13.19
N VAL I 35 -28.14 -27.78 14.22
CA VAL I 35 -27.48 -27.83 15.49
C VAL I 35 -25.98 -27.69 15.43
N ASN I 36 -25.54 -26.58 16.04
CA ASN I 36 -24.19 -26.14 16.15
C ASN I 36 -24.32 -25.26 17.37
N HIS I 37 -24.99 -25.83 18.40
CA HIS I 37 -25.35 -25.16 19.62
C HIS I 37 -25.67 -26.23 20.63
N LYS I 38 -25.87 -25.81 21.90
CA LYS I 38 -26.22 -26.66 23.01
C LYS I 38 -27.60 -27.23 22.82
N ILE I 39 -27.74 -28.57 23.04
CA ILE I 39 -28.93 -29.41 22.97
C ILE I 39 -30.21 -28.69 23.35
N GLY I 40 -31.27 -28.84 22.52
CA GLY I 40 -32.57 -28.24 22.71
C GLY I 40 -32.52 -26.75 22.66
N GLU I 41 -33.16 -26.09 23.67
CA GLU I 41 -33.29 -24.66 23.88
C GLU I 41 -33.76 -23.92 22.67
N VAL I 42 -35.06 -24.09 22.32
CA VAL I 42 -35.64 -23.56 21.11
C VAL I 42 -36.92 -22.81 21.37
N HIS I 43 -37.38 -22.73 22.65
CA HIS I 43 -38.65 -22.13 22.94
C HIS I 43 -38.44 -21.04 23.96
N ASP I 44 -39.01 -19.85 23.65
CA ASP I 44 -39.02 -18.64 24.43
C ASP I 44 -37.66 -18.01 24.52
N GLY I 45 -37.51 -16.91 23.76
CA GLY I 45 -36.53 -15.85 23.83
C GLY I 45 -35.11 -16.25 24.15
N ALA I 46 -34.64 -15.78 25.32
CA ALA I 46 -33.25 -15.79 25.71
C ALA I 46 -32.59 -17.12 25.89
N ALA I 47 -33.32 -18.17 26.36
CA ALA I 47 -32.74 -19.48 26.64
C ALA I 47 -32.09 -20.15 25.46
N THR I 48 -32.59 -19.83 24.24
CA THR I 48 -32.09 -20.24 22.95
C THR I 48 -30.61 -20.02 22.78
N MET I 49 -30.10 -18.96 23.44
CA MET I 49 -28.82 -18.37 23.17
C MET I 49 -27.82 -18.75 24.24
N ASP I 50 -28.09 -19.82 25.04
CA ASP I 50 -27.20 -20.21 26.13
C ASP I 50 -25.88 -20.74 25.62
N TRP I 51 -25.87 -21.31 24.40
CA TRP I 51 -24.71 -21.90 23.79
C TRP I 51 -23.56 -20.96 23.54
N MET I 52 -23.84 -19.67 23.23
CA MET I 52 -22.77 -18.80 22.80
C MET I 52 -22.12 -18.10 23.96
N GLU I 53 -22.88 -17.82 25.05
CA GLU I 53 -22.32 -17.33 26.30
C GLU I 53 -21.38 -18.29 26.97
N GLN I 54 -21.44 -19.61 26.61
CA GLN I 54 -20.60 -20.64 27.18
C GLN I 54 -19.39 -20.93 26.33
N GLU I 55 -19.51 -20.88 24.97
CA GLU I 55 -18.37 -21.13 24.12
C GLU I 55 -18.65 -20.55 22.76
N GLN I 56 -17.61 -20.61 21.88
CA GLN I 56 -17.39 -19.97 20.60
C GLN I 56 -18.61 -19.64 19.76
N GLU I 57 -18.53 -18.53 18.99
CA GLU I 57 -19.61 -18.04 18.16
C GLU I 57 -18.96 -17.58 16.88
N ARG I 58 -19.77 -17.35 15.82
CA ARG I 58 -19.41 -17.04 14.45
C ARG I 58 -18.58 -18.09 13.76
N GLY I 59 -18.26 -17.85 12.46
CA GLY I 59 -17.46 -18.75 11.67
C GLY I 59 -18.11 -19.03 10.34
N ILE I 60 -18.13 -20.35 10.00
CA ILE I 60 -18.74 -20.95 8.85
C ILE I 60 -19.03 -22.30 9.44
N THR I 61 -20.22 -22.83 9.11
CA THR I 61 -20.76 -23.91 9.91
C THR I 61 -20.92 -25.18 9.13
N ILE I 62 -20.21 -26.24 9.57
CA ILE I 62 -20.56 -27.61 9.27
C ILE I 62 -21.68 -27.95 10.23
N THR I 63 -22.78 -28.56 9.73
CA THR I 63 -23.94 -28.76 10.56
C THR I 63 -24.44 -30.13 10.23
N SER I 64 -25.25 -30.63 11.18
CA SER I 64 -25.77 -31.96 11.35
C SER I 64 -25.00 -32.52 12.52
N ALA I 65 -25.41 -32.16 13.76
CA ALA I 65 -24.83 -32.70 14.98
C ALA I 65 -25.91 -33.48 15.70
N ALA I 66 -27.06 -33.68 15.00
CA ALA I 66 -28.09 -34.64 15.31
C ALA I 66 -28.70 -34.55 16.68
N THR I 67 -29.28 -33.37 17.02
CA THR I 67 -29.99 -33.27 18.27
C THR I 67 -30.92 -32.08 18.24
N THR I 68 -30.85 -31.17 17.22
CA THR I 68 -31.78 -30.06 17.14
C THR I 68 -31.83 -29.57 15.71
N ALA I 69 -32.98 -28.99 15.28
CA ALA I 69 -33.24 -28.44 13.97
C ALA I 69 -33.12 -29.44 12.84
N PHE I 70 -33.87 -30.56 12.92
CA PHE I 70 -33.86 -31.65 11.98
C PHE I 70 -35.26 -31.74 11.46
N TRP I 71 -35.48 -32.62 10.45
CA TRP I 71 -36.80 -32.91 9.95
C TRP I 71 -36.96 -34.41 9.95
N SER I 72 -38.21 -34.87 9.78
CA SER I 72 -38.60 -36.25 9.92
C SER I 72 -38.20 -37.09 8.73
N GLY I 73 -38.09 -36.46 7.53
CA GLY I 73 -37.76 -37.16 6.31
C GLY I 73 -36.33 -36.93 5.97
N MET I 74 -35.73 -37.92 5.26
CA MET I 74 -34.35 -37.88 4.83
C MET I 74 -34.26 -36.98 3.64
N ALA I 75 -33.47 -35.88 3.79
CA ALA I 75 -33.17 -34.89 2.78
C ALA I 75 -34.44 -34.20 2.33
N LYS I 76 -35.34 -33.99 3.29
CA LYS I 76 -36.62 -33.38 3.08
C LYS I 76 -36.60 -32.28 4.10
N GLN I 77 -36.66 -31.02 3.62
CA GLN I 77 -36.60 -29.82 4.43
C GLN I 77 -35.27 -29.80 5.15
N TYR I 78 -35.26 -29.70 6.50
CA TYR I 78 -34.03 -29.73 7.28
C TYR I 78 -33.41 -31.09 7.24
N GLU I 79 -32.06 -31.10 7.34
CA GLU I 79 -31.17 -32.20 7.68
C GLU I 79 -31.58 -33.60 7.27
N PRO I 80 -31.73 -34.47 8.28
CA PRO I 80 -30.97 -35.72 8.40
C PRO I 80 -29.58 -35.91 7.84
N HIS I 81 -28.89 -34.87 7.32
CA HIS I 81 -27.67 -35.07 6.59
C HIS I 81 -26.88 -33.81 6.71
N ARG I 82 -25.62 -33.86 6.23
CA ARG I 82 -24.67 -32.77 6.39
C ARG I 82 -25.00 -31.61 5.53
N ILE I 83 -24.97 -30.39 6.10
CA ILE I 83 -25.15 -29.17 5.36
C ILE I 83 -23.98 -28.34 5.79
N ASN I 84 -23.09 -27.99 4.83
CA ASN I 84 -21.94 -27.16 5.07
C ASN I 84 -22.22 -25.78 4.56
N ILE I 85 -22.19 -24.77 5.46
CA ILE I 85 -22.40 -23.39 5.10
C ILE I 85 -21.04 -22.74 5.03
N ILE I 86 -20.56 -22.52 3.78
CA ILE I 86 -19.33 -21.81 3.47
C ILE I 86 -19.84 -20.45 3.13
N ASP I 87 -19.33 -19.34 3.71
CA ASP I 87 -19.88 -18.02 3.42
C ASP I 87 -19.56 -17.51 2.03
N THR I 88 -20.48 -16.66 1.52
CA THR I 88 -20.41 -16.00 0.23
C THR I 88 -20.41 -14.52 0.55
N PRO I 89 -19.90 -13.61 -0.28
CA PRO I 89 -20.03 -12.18 -0.02
C PRO I 89 -20.97 -11.57 -1.03
N GLY I 90 -21.45 -10.34 -0.72
CA GLY I 90 -22.40 -9.60 -1.53
C GLY I 90 -22.30 -8.17 -1.09
N HIS I 91 -21.06 -7.73 -0.74
CA HIS I 91 -20.76 -6.44 -0.21
C HIS I 91 -19.87 -5.69 -1.17
N VAL I 92 -20.15 -4.36 -1.30
CA VAL I 92 -19.45 -3.36 -2.06
C VAL I 92 -19.54 -3.62 -3.54
N ASP I 93 -18.43 -4.05 -4.18
CA ASP I 93 -18.36 -4.31 -5.59
C ASP I 93 -17.72 -5.66 -5.73
N PHE I 94 -17.92 -6.28 -6.92
CA PHE I 94 -17.36 -7.55 -7.31
C PHE I 94 -15.85 -7.47 -7.41
N THR I 95 -15.16 -8.55 -7.02
CA THR I 95 -13.72 -8.69 -7.16
C THR I 95 -13.49 -10.15 -7.45
N ILE I 96 -12.22 -10.51 -7.79
CA ILE I 96 -11.80 -11.89 -7.97
C ILE I 96 -11.97 -12.70 -6.72
N GLU I 97 -11.79 -12.09 -5.52
CA GLU I 97 -11.96 -12.73 -4.24
C GLU I 97 -13.41 -13.10 -3.99
N VAL I 98 -14.35 -12.22 -4.42
CA VAL I 98 -15.77 -12.42 -4.31
C VAL I 98 -16.20 -13.56 -5.20
N GLU I 99 -15.67 -13.62 -6.45
CA GLU I 99 -15.89 -14.67 -7.41
C GLU I 99 -15.44 -16.00 -6.88
N ARG I 100 -14.23 -16.03 -6.29
CA ARG I 100 -13.55 -17.18 -5.78
C ARG I 100 -14.32 -17.86 -4.67
N SER I 101 -14.93 -17.04 -3.78
CA SER I 101 -15.72 -17.50 -2.66
C SER I 101 -17.00 -18.16 -3.08
N MET I 102 -17.63 -17.65 -4.17
CA MET I 102 -18.91 -18.08 -4.67
C MET I 102 -18.87 -19.46 -5.27
N ARG I 103 -17.69 -19.85 -5.77
CA ARG I 103 -17.38 -21.10 -6.41
C ARG I 103 -17.11 -22.25 -5.46
N VAL I 104 -16.80 -21.99 -4.16
CA VAL I 104 -16.45 -23.05 -3.21
C VAL I 104 -17.74 -23.66 -2.72
N LEU I 105 -18.68 -22.81 -2.27
CA LEU I 105 -20.08 -23.14 -2.13
C LEU I 105 -20.67 -23.41 -3.48
N ASP I 106 -21.64 -24.35 -3.56
CA ASP I 106 -22.20 -24.77 -4.82
C ASP I 106 -23.50 -24.04 -5.05
N GLY I 107 -24.18 -23.58 -3.97
CA GLY I 107 -25.37 -22.77 -4.11
C GLY I 107 -25.24 -21.61 -3.17
N ALA I 108 -26.03 -20.52 -3.37
CA ALA I 108 -26.00 -19.38 -2.48
C ALA I 108 -27.38 -18.83 -2.23
N VAL I 109 -27.52 -18.13 -1.08
CA VAL I 109 -28.68 -17.40 -0.63
C VAL I 109 -28.31 -15.96 -0.61
N MET I 110 -28.86 -15.14 -1.54
CA MET I 110 -28.67 -13.71 -1.50
C MET I 110 -29.67 -13.12 -0.55
N VAL I 111 -29.17 -12.26 0.36
CA VAL I 111 -29.93 -11.73 1.46
C VAL I 111 -29.99 -10.26 1.23
N TYR I 112 -31.21 -9.68 1.35
CA TYR I 112 -31.48 -8.29 1.14
C TYR I 112 -32.08 -7.78 2.40
N CYS I 113 -31.89 -6.47 2.68
CA CYS I 113 -32.61 -5.76 3.71
C CYS I 113 -33.93 -5.32 3.12
N ALA I 114 -35.06 -5.57 3.82
CA ALA I 114 -36.40 -5.38 3.29
C ALA I 114 -36.72 -3.93 3.05
N VAL I 115 -36.38 -3.07 4.04
CA VAL I 115 -36.60 -1.64 4.00
C VAL I 115 -35.76 -0.99 2.93
N GLY I 116 -34.48 -1.43 2.79
CA GLY I 116 -33.56 -0.81 1.88
C GLY I 116 -33.73 -1.33 0.48
N GLY I 117 -34.56 -2.40 0.31
CA GLY I 117 -34.81 -3.08 -0.94
C GLY I 117 -33.52 -3.72 -1.37
N VAL I 118 -32.91 -3.16 -2.42
CA VAL I 118 -31.61 -3.54 -2.87
C VAL I 118 -30.83 -2.30 -2.66
N GLN I 119 -29.86 -2.39 -1.74
CA GLN I 119 -28.90 -1.37 -1.44
C GLN I 119 -27.80 -1.44 -2.49
N PRO I 120 -27.01 -0.38 -2.71
CA PRO I 120 -25.96 -0.30 -3.73
C PRO I 120 -24.99 -1.44 -3.72
N GLN I 121 -24.61 -1.91 -2.51
CA GLN I 121 -23.53 -2.84 -2.29
C GLN I 121 -23.86 -4.18 -2.89
N SER I 122 -25.13 -4.62 -2.79
CA SER I 122 -25.63 -5.85 -3.35
C SER I 122 -25.65 -5.94 -4.87
N GLU I 123 -26.06 -4.86 -5.58
CA GLU I 123 -26.27 -4.87 -7.02
C GLU I 123 -25.01 -5.05 -7.84
N THR I 124 -23.94 -4.32 -7.47
CA THR I 124 -22.69 -4.27 -8.19
C THR I 124 -22.03 -5.61 -8.21
N VAL I 125 -22.12 -6.33 -7.07
CA VAL I 125 -21.58 -7.65 -6.93
C VAL I 125 -22.36 -8.62 -7.76
N TRP I 126 -23.72 -8.49 -7.76
CA TRP I 126 -24.58 -9.43 -8.42
C TRP I 126 -24.45 -9.49 -9.91
N ARG I 127 -24.45 -8.34 -10.63
CA ARG I 127 -24.46 -8.43 -12.08
C ARG I 127 -23.21 -9.06 -12.65
N GLN I 128 -22.05 -8.65 -12.08
CA GLN I 128 -20.75 -9.16 -12.40
C GLN I 128 -20.61 -10.62 -12.08
N ALA I 129 -21.13 -11.04 -10.89
CA ALA I 129 -21.11 -12.40 -10.40
C ALA I 129 -21.91 -13.37 -11.23
N ASN I 130 -23.04 -12.89 -11.81
CA ASN I 130 -23.96 -13.65 -12.64
C ASN I 130 -23.24 -14.09 -13.89
N LYS I 131 -22.36 -13.21 -14.45
CA LYS I 131 -21.62 -13.44 -15.67
C LYS I 131 -20.72 -14.65 -15.53
N TYR I 132 -20.20 -14.89 -14.28
CA TYR I 132 -19.28 -15.97 -14.00
C TYR I 132 -20.00 -17.11 -13.32
N LYS I 133 -21.35 -17.13 -13.42
CA LYS I 133 -22.27 -18.17 -13.02
C LYS I 133 -22.32 -18.44 -11.53
N VAL I 134 -23.43 -18.01 -10.88
CA VAL I 134 -23.62 -18.15 -9.45
C VAL I 134 -25.12 -18.34 -9.33
N PRO I 135 -25.66 -19.45 -8.79
CA PRO I 135 -27.09 -19.59 -8.55
C PRO I 135 -27.47 -19.04 -7.20
N ARG I 136 -28.51 -18.17 -7.14
CA ARG I 136 -28.96 -17.54 -5.91
C ARG I 136 -30.45 -17.51 -5.82
N ILE I 137 -30.95 -17.64 -4.55
CA ILE I 137 -32.31 -17.42 -4.11
C ILE I 137 -32.29 -16.20 -3.23
N ALA I 138 -33.42 -15.46 -3.09
CA ALA I 138 -33.44 -14.21 -2.38
C ALA I 138 -34.23 -14.39 -1.13
N PHE I 139 -33.66 -13.83 -0.04
CA PHE I 139 -34.15 -13.90 1.31
C PHE I 139 -34.32 -12.49 1.74
N VAL I 140 -35.58 -12.00 1.73
CA VAL I 140 -35.94 -10.68 2.20
C VAL I 140 -35.95 -10.69 3.70
N ASN I 141 -34.78 -10.35 4.29
CA ASN I 141 -34.55 -10.28 5.71
C ASN I 141 -35.10 -8.99 6.25
N LYS I 142 -35.20 -8.89 7.60
CA LYS I 142 -35.62 -7.71 8.33
C LYS I 142 -37.02 -7.30 7.97
N MET I 143 -37.97 -8.22 8.24
CA MET I 143 -39.39 -8.05 7.98
C MET I 143 -40.03 -7.41 9.18
N ASP I 144 -39.21 -6.96 10.15
CA ASP I 144 -39.62 -6.29 11.35
C ASP I 144 -39.47 -4.81 11.11
N ARG I 145 -39.07 -4.46 9.87
CA ARG I 145 -38.89 -3.12 9.38
C ARG I 145 -39.84 -3.03 8.24
N MET I 146 -39.80 -1.88 7.54
CA MET I 146 -40.61 -1.56 6.40
C MET I 146 -40.17 -2.37 5.23
N GLY I 147 -41.02 -2.43 4.18
CA GLY I 147 -40.73 -3.17 2.98
C GLY I 147 -41.02 -4.62 3.19
N ALA I 148 -41.80 -4.92 4.26
CA ALA I 148 -42.12 -6.24 4.73
C ALA I 148 -43.34 -6.78 4.02
N ASN I 149 -43.38 -6.54 2.70
CA ASN I 149 -44.37 -7.04 1.80
C ASN I 149 -43.60 -7.14 0.52
N PHE I 150 -44.04 -8.05 -0.35
CA PHE I 150 -43.41 -8.46 -1.57
C PHE I 150 -43.24 -7.34 -2.56
N LEU I 151 -44.25 -6.47 -2.76
CA LEU I 151 -44.19 -5.47 -3.81
C LEU I 151 -43.04 -4.50 -3.69
N LYS I 152 -42.76 -3.94 -2.49
CA LYS I 152 -41.68 -2.98 -2.34
C LYS I 152 -40.30 -3.56 -2.62
N VAL I 153 -39.99 -4.71 -2.01
CA VAL I 153 -38.72 -5.38 -2.19
C VAL I 153 -38.44 -5.84 -3.59
N VAL I 154 -39.46 -6.43 -4.27
CA VAL I 154 -39.37 -7.02 -5.58
C VAL I 154 -39.06 -6.03 -6.66
N ASN I 155 -39.59 -4.77 -6.61
CA ASN I 155 -39.26 -3.82 -7.64
C ASN I 155 -37.80 -3.43 -7.63
N GLN I 156 -37.16 -3.35 -6.43
CA GLN I 156 -35.77 -3.03 -6.31
C GLN I 156 -34.86 -4.10 -6.85
N ILE I 157 -35.24 -5.40 -6.72
CA ILE I 157 -34.46 -6.51 -7.21
C ILE I 157 -34.41 -6.50 -8.72
N LYS I 158 -35.51 -6.07 -9.39
CA LYS I 158 -35.50 -5.98 -10.83
C LYS I 158 -34.70 -4.77 -11.26
N THR I 159 -35.01 -3.60 -10.67
CA THR I 159 -34.43 -2.37 -11.14
C THR I 159 -33.00 -2.07 -10.85
N ARG I 160 -32.60 -2.20 -9.57
CA ARG I 160 -31.29 -1.89 -9.08
C ARG I 160 -30.29 -2.93 -9.51
N LEU I 161 -30.74 -4.21 -9.54
CA LEU I 161 -29.87 -5.35 -9.48
C LEU I 161 -29.94 -6.12 -10.77
N GLY I 162 -31.03 -5.95 -11.55
CA GLY I 162 -31.13 -6.49 -12.89
C GLY I 162 -31.48 -7.95 -13.02
N ALA I 163 -31.84 -8.63 -11.91
CA ALA I 163 -32.31 -9.99 -11.95
C ALA I 163 -33.77 -9.99 -12.29
N ASN I 164 -34.37 -11.19 -12.41
CA ASN I 164 -35.80 -11.35 -12.51
C ASN I 164 -36.17 -11.86 -11.13
N PRO I 165 -36.80 -11.06 -10.28
CA PRO I 165 -37.38 -11.52 -9.05
C PRO I 165 -38.83 -11.80 -9.22
N VAL I 166 -39.37 -12.67 -8.35
CA VAL I 166 -40.77 -12.98 -8.45
C VAL I 166 -41.26 -13.42 -7.08
N PRO I 167 -42.49 -13.05 -6.65
CA PRO I 167 -43.13 -13.55 -5.45
C PRO I 167 -43.37 -15.04 -5.46
N LEU I 168 -43.14 -15.75 -4.33
CA LEU I 168 -43.60 -17.11 -4.17
C LEU I 168 -43.99 -17.32 -2.73
N GLN I 169 -44.02 -16.24 -1.93
CA GLN I 169 -44.42 -16.28 -0.54
C GLN I 169 -45.21 -15.03 -0.37
N LEU I 170 -46.11 -15.04 0.63
CA LEU I 170 -46.80 -13.85 1.08
C LEU I 170 -46.48 -13.79 2.55
N ALA I 171 -46.25 -12.56 3.07
CA ALA I 171 -45.94 -12.28 4.44
C ALA I 171 -47.21 -12.09 5.20
N ILE I 172 -47.21 -12.43 6.52
CA ILE I 172 -48.33 -12.21 7.39
C ILE I 172 -47.88 -11.12 8.32
N GLY I 173 -48.55 -9.97 8.22
CA GLY I 173 -48.20 -8.75 8.89
C GLY I 173 -47.09 -8.04 8.17
N ALA I 174 -46.75 -6.83 8.69
CA ALA I 174 -45.60 -6.10 8.25
C ALA I 174 -45.11 -5.31 9.44
N GLU I 175 -43.79 -5.03 9.47
CA GLU I 175 -43.08 -4.31 10.51
C GLU I 175 -43.16 -5.10 11.80
N GLU I 176 -43.43 -4.43 12.95
CA GLU I 176 -43.53 -5.06 14.24
C GLU I 176 -44.68 -6.04 14.38
N HIS I 177 -45.70 -5.95 13.50
CA HIS I 177 -46.88 -6.79 13.57
C HIS I 177 -46.70 -8.03 12.72
N PHE I 178 -45.64 -8.06 11.86
CA PHE I 178 -45.16 -9.26 11.19
C PHE I 178 -44.81 -10.31 12.21
N THR I 179 -45.25 -11.57 11.97
CA THR I 179 -45.11 -12.65 12.91
C THR I 179 -45.18 -13.94 12.14
N GLY I 180 -45.46 -13.90 10.81
CA GLY I 180 -45.73 -15.11 10.08
C GLY I 180 -45.32 -15.00 8.65
N VAL I 181 -45.12 -16.17 8.00
CA VAL I 181 -44.83 -16.30 6.60
C VAL I 181 -45.73 -17.37 6.04
N VAL I 182 -46.32 -17.12 4.84
CA VAL I 182 -47.12 -18.11 4.14
C VAL I 182 -46.27 -18.66 3.03
N ASP I 183 -46.15 -20.00 3.05
CA ASP I 183 -45.51 -20.86 2.10
C ASP I 183 -46.51 -21.21 1.01
N LEU I 184 -46.37 -20.63 -0.21
CA LEU I 184 -47.34 -20.79 -1.28
C LEU I 184 -46.92 -21.91 -2.21
N VAL I 185 -46.11 -22.87 -1.72
CA VAL I 185 -45.61 -23.97 -2.52
C VAL I 185 -45.93 -25.22 -1.76
N LYS I 186 -45.99 -25.14 -0.41
CA LYS I 186 -46.41 -26.23 0.44
C LYS I 186 -47.80 -25.96 0.96
N MET I 187 -48.34 -24.76 0.60
CA MET I 187 -49.67 -24.28 0.91
C MET I 187 -50.05 -24.28 2.37
N LYS I 188 -49.11 -23.86 3.24
CA LYS I 188 -49.36 -23.63 4.65
C LYS I 188 -49.14 -22.17 4.90
N ALA I 189 -49.75 -21.63 5.98
CA ALA I 189 -49.46 -20.29 6.42
C ALA I 189 -49.11 -20.50 7.87
N ILE I 190 -47.96 -19.91 8.26
CA ILE I 190 -47.30 -20.19 9.51
C ILE I 190 -47.14 -18.96 10.34
N ASN I 191 -47.53 -19.06 11.64
CA ASN I 191 -47.35 -18.05 12.64
C ASN I 191 -46.29 -18.67 13.49
N TRP I 192 -45.23 -17.88 13.78
CA TRP I 192 -44.12 -18.30 14.59
C TRP I 192 -44.37 -17.78 15.96
N ASN I 193 -44.06 -18.61 16.98
CA ASN I 193 -44.44 -18.37 18.35
C ASN I 193 -43.34 -17.73 19.16
N ASP I 194 -42.09 -17.68 18.63
CA ASP I 194 -40.98 -17.19 19.41
C ASP I 194 -40.16 -16.27 18.58
N ALA I 195 -39.37 -15.41 19.26
CA ALA I 195 -38.49 -14.44 18.68
C ALA I 195 -37.09 -14.96 18.82
N ASP I 196 -36.83 -16.10 18.15
CA ASP I 196 -35.57 -16.80 18.18
C ASP I 196 -35.76 -17.88 17.17
N GLN I 197 -36.92 -18.56 17.22
CA GLN I 197 -37.19 -19.75 16.47
C GLN I 197 -38.61 -19.53 16.05
N GLY I 198 -39.53 -20.34 16.61
CA GLY I 198 -40.92 -20.26 16.30
C GLY I 198 -41.53 -21.57 16.68
N VAL I 199 -40.89 -22.32 17.62
CA VAL I 199 -41.35 -23.60 18.12
C VAL I 199 -42.67 -23.40 18.82
N THR I 200 -43.64 -24.24 18.41
CA THR I 200 -45.00 -24.36 18.87
C THR I 200 -45.77 -23.46 17.95
N PHE I 201 -45.29 -23.36 16.68
CA PHE I 201 -45.88 -22.65 15.58
C PHE I 201 -47.30 -23.04 15.35
N GLU I 202 -48.07 -22.04 14.91
CA GLU I 202 -49.49 -22.15 14.75
C GLU I 202 -49.68 -21.95 13.30
N TYR I 203 -50.25 -22.93 12.57
CA TYR I 203 -50.69 -22.65 11.21
C TYR I 203 -51.89 -21.76 11.34
N GLU I 204 -51.78 -20.59 10.68
CA GLU I 204 -52.70 -19.50 10.90
C GLU I 204 -53.26 -19.00 9.61
N ASP I 205 -54.35 -18.21 9.74
CA ASP I 205 -54.99 -17.42 8.73
C ASP I 205 -54.06 -16.63 7.83
N ILE I 206 -54.59 -16.23 6.66
CA ILE I 206 -54.00 -15.23 5.83
C ILE I 206 -55.02 -14.13 5.99
N PRO I 207 -54.71 -12.95 6.55
CA PRO I 207 -55.62 -11.82 6.72
C PRO I 207 -56.34 -11.49 5.43
N ALA I 208 -57.61 -11.00 5.49
CA ALA I 208 -58.47 -10.86 4.32
C ALA I 208 -57.86 -10.02 3.23
N ASP I 209 -57.15 -8.94 3.64
CA ASP I 209 -56.45 -8.00 2.81
C ASP I 209 -55.26 -8.58 2.06
N MET I 210 -54.82 -9.79 2.47
CA MET I 210 -53.63 -10.43 1.99
C MET I 210 -53.95 -11.71 1.29
N VAL I 211 -55.25 -12.13 1.28
CA VAL I 211 -55.73 -13.31 0.57
C VAL I 211 -55.45 -13.12 -0.90
N GLU I 212 -55.78 -11.89 -1.38
CA GLU I 212 -55.66 -11.45 -2.75
C GLU I 212 -54.22 -11.47 -3.16
N LEU I 213 -53.33 -10.92 -2.28
CA LEU I 213 -51.89 -10.86 -2.49
C LEU I 213 -51.33 -12.23 -2.68
N ALA I 214 -51.77 -13.19 -1.82
CA ALA I 214 -51.26 -14.54 -1.73
C ALA I 214 -51.56 -15.28 -3.00
N ASN I 215 -52.80 -15.09 -3.52
CA ASN I 215 -53.27 -15.68 -4.76
C ASN I 215 -52.52 -15.17 -5.96
N GLU I 216 -52.17 -13.86 -5.97
CA GLU I 216 -51.45 -13.21 -7.04
C GLU I 216 -50.03 -13.67 -7.07
N TRP I 217 -49.45 -13.95 -5.88
CA TRP I 217 -48.06 -14.32 -5.69
C TRP I 217 -47.89 -15.76 -6.05
N HIS I 218 -48.96 -16.57 -5.86
CA HIS I 218 -49.04 -17.95 -6.26
C HIS I 218 -49.05 -18.01 -7.77
N GLN I 219 -49.81 -17.09 -8.41
CA GLN I 219 -49.93 -16.97 -9.85
C GLN I 219 -48.59 -16.58 -10.45
N ASN I 220 -47.82 -15.73 -9.75
CA ASN I 220 -46.54 -15.23 -10.18
C ASN I 220 -45.52 -16.35 -10.13
N LEU I 221 -45.69 -17.28 -9.16
CA LEU I 221 -44.95 -18.52 -9.01
C LEU I 221 -45.19 -19.39 -10.22
N ILE I 222 -46.46 -19.58 -10.66
CA ILE I 222 -46.83 -20.39 -11.81
C ILE I 222 -46.22 -19.86 -13.09
N GLU I 223 -46.26 -18.51 -13.27
CA GLU I 223 -45.71 -17.85 -14.44
C GLU I 223 -44.23 -18.08 -14.54
N SER I 224 -43.51 -17.98 -13.39
CA SER I 224 -42.09 -18.19 -13.26
C SER I 224 -41.70 -19.61 -13.54
N ALA I 225 -42.56 -20.56 -13.05
CA ALA I 225 -42.43 -21.99 -13.15
C ALA I 225 -42.49 -22.40 -14.57
N ALA I 226 -43.48 -21.86 -15.32
CA ALA I 226 -43.73 -22.26 -16.68
C ALA I 226 -42.59 -22.03 -17.63
N GLU I 227 -41.74 -21.01 -17.35
CA GLU I 227 -40.55 -20.68 -18.11
C GLU I 227 -39.46 -21.72 -18.12
N ALA I 228 -39.47 -22.66 -17.13
CA ALA I 228 -38.46 -23.67 -16.95
C ALA I 228 -38.39 -24.63 -18.11
N SER I 229 -39.56 -25.06 -18.62
CA SER I 229 -39.64 -26.15 -19.56
C SER I 229 -40.71 -25.77 -20.53
N GLU I 230 -40.48 -26.12 -21.82
CA GLU I 230 -41.35 -25.81 -22.93
C GLU I 230 -42.74 -26.37 -22.79
N GLU I 231 -42.86 -27.55 -22.13
CA GLU I 231 -44.10 -28.27 -21.87
C GLU I 231 -44.98 -27.47 -20.95
N LEU I 232 -44.37 -26.92 -19.86
CA LEU I 232 -45.04 -26.15 -18.84
C LEU I 232 -45.55 -24.86 -19.44
N MET I 233 -44.74 -24.22 -20.33
CA MET I 233 -45.08 -22.99 -20.99
C MET I 233 -46.33 -23.11 -21.85
N GLU I 234 -46.58 -24.29 -22.47
CA GLU I 234 -47.78 -24.58 -23.22
C GLU I 234 -48.99 -24.56 -22.33
N LYS I 235 -48.91 -25.29 -21.18
CA LYS I 235 -49.97 -25.47 -20.23
C LYS I 235 -50.37 -24.16 -19.59
N TYR I 236 -49.37 -23.30 -19.28
CA TYR I 236 -49.53 -22.00 -18.67
C TYR I 236 -50.25 -21.06 -19.62
N LEU I 237 -49.81 -21.02 -20.89
CA LEU I 237 -50.27 -20.09 -21.90
C LEU I 237 -51.75 -20.24 -22.14
N GLY I 238 -52.26 -21.49 -22.15
CA GLY I 238 -53.67 -21.75 -22.32
C GLY I 238 -54.41 -21.45 -21.04
N GLY I 239 -53.93 -21.99 -19.90
CA GLY I 239 -54.44 -21.62 -18.61
C GLY I 239 -54.08 -22.65 -17.59
N GLU I 240 -54.09 -23.95 -18.02
CA GLU I 240 -53.82 -25.16 -17.27
C GLU I 240 -52.78 -25.04 -16.18
N GLU I 241 -53.19 -25.42 -14.95
CA GLU I 241 -52.42 -25.39 -13.73
C GLU I 241 -51.18 -26.24 -13.78
N LEU I 242 -50.10 -25.75 -13.14
CA LEU I 242 -48.87 -26.48 -12.98
C LEU I 242 -48.91 -26.93 -11.55
N THR I 243 -49.14 -28.25 -11.35
CA THR I 243 -49.26 -28.93 -10.06
C THR I 243 -48.02 -28.79 -9.19
N GLU I 244 -48.07 -29.34 -7.96
CA GLU I 244 -47.02 -29.29 -6.97
C GLU I 244 -45.73 -29.86 -7.49
N ALA I 245 -45.80 -31.01 -8.21
CA ALA I 245 -44.64 -31.68 -8.76
C ALA I 245 -44.02 -30.89 -9.88
N GLU I 246 -44.86 -30.25 -10.73
CA GLU I 246 -44.44 -29.48 -11.88
C GLU I 246 -43.67 -28.26 -11.46
N ILE I 247 -44.19 -27.52 -10.43
CA ILE I 247 -43.58 -26.32 -9.90
C ILE I 247 -42.28 -26.67 -9.22
N LYS I 248 -42.22 -27.81 -8.47
CA LYS I 248 -41.08 -28.24 -7.69
C LYS I 248 -39.91 -28.57 -8.58
N GLY I 249 -40.23 -29.16 -9.76
CA GLY I 249 -39.28 -29.56 -10.76
C GLY I 249 -38.71 -28.34 -11.41
N ALA I 250 -39.61 -27.35 -11.67
CA ALA I 250 -39.27 -26.09 -12.28
C ALA I 250 -38.38 -25.25 -11.38
N LEU I 251 -38.62 -25.28 -10.04
CA LEU I 251 -37.89 -24.51 -9.06
C LEU I 251 -36.46 -24.97 -9.00
N ARG I 252 -36.26 -26.31 -9.02
CA ARG I 252 -34.94 -26.92 -8.96
C ARG I 252 -34.15 -26.58 -10.20
N GLN I 253 -34.81 -26.70 -11.38
CA GLN I 253 -34.20 -26.47 -12.67
C GLN I 253 -33.76 -25.04 -12.88
N ARG I 254 -34.62 -24.07 -12.50
CA ARG I 254 -34.36 -22.67 -12.73
C ARG I 254 -33.33 -22.13 -11.80
N VAL I 255 -33.29 -22.63 -10.53
CA VAL I 255 -32.31 -22.17 -9.58
C VAL I 255 -30.94 -22.67 -9.97
N LEU I 256 -30.82 -23.96 -10.39
CA LEU I 256 -29.52 -24.53 -10.72
C LEU I 256 -28.94 -23.98 -11.99
N ASN I 257 -29.77 -23.53 -12.97
CA ASN I 257 -29.31 -22.88 -14.17
C ASN I 257 -29.23 -21.39 -14.04
N ASN I 258 -29.49 -20.81 -12.83
CA ASN I 258 -29.50 -19.38 -12.55
C ASN I 258 -30.30 -18.60 -13.58
N GLU I 259 -31.58 -19.00 -13.76
CA GLU I 259 -32.52 -18.36 -14.66
C GLU I 259 -33.47 -17.50 -13.89
N ILE I 260 -33.37 -17.50 -12.54
CA ILE I 260 -34.35 -16.79 -11.75
C ILE I 260 -33.74 -16.50 -10.39
N ILE I 261 -34.46 -15.65 -9.62
CA ILE I 261 -34.18 -15.43 -8.24
C ILE I 261 -35.55 -15.39 -7.62
N LEU I 262 -35.85 -16.52 -6.94
CA LEU I 262 -36.98 -16.78 -6.10
C LEU I 262 -36.97 -15.81 -4.95
N VAL I 263 -38.13 -15.26 -4.51
CA VAL I 263 -38.09 -14.32 -3.41
C VAL I 263 -38.87 -14.96 -2.28
N THR I 264 -38.23 -14.96 -1.07
CA THR I 264 -38.76 -15.50 0.16
C THR I 264 -38.66 -14.41 1.18
N CYS I 265 -39.28 -14.63 2.37
CA CYS I 265 -39.29 -13.66 3.43
C CYS I 265 -39.04 -14.35 4.73
N GLY I 266 -38.74 -13.54 5.76
CA GLY I 266 -38.54 -13.96 7.12
C GLY I 266 -37.52 -13.02 7.67
N SER I 267 -37.74 -12.51 8.91
CA SER I 267 -36.82 -11.66 9.61
C SER I 267 -35.86 -12.54 10.37
N ALA I 268 -34.56 -12.14 10.44
CA ALA I 268 -33.54 -12.83 11.19
C ALA I 268 -33.04 -11.86 12.22
N PHE I 269 -33.93 -10.92 12.61
CA PHE I 269 -33.62 -9.80 13.45
C PHE I 269 -34.73 -9.80 14.48
N LYS I 270 -35.92 -10.33 14.08
CA LYS I 270 -37.06 -10.57 14.93
C LYS I 270 -37.19 -12.07 14.99
N ASN I 271 -36.47 -12.76 14.07
CA ASN I 271 -36.08 -14.15 14.17
C ASN I 271 -37.25 -15.07 13.96
N LYS I 272 -38.07 -14.76 12.93
CA LYS I 272 -39.22 -15.51 12.55
C LYS I 272 -39.19 -15.68 11.06
N GLY I 273 -39.31 -16.94 10.55
CA GLY I 273 -39.52 -17.22 9.15
C GLY I 273 -38.24 -17.58 8.43
N VAL I 274 -37.10 -17.55 9.14
CA VAL I 274 -35.77 -17.85 8.64
C VAL I 274 -35.66 -19.30 8.30
N GLN I 275 -36.29 -20.14 9.15
CA GLN I 275 -36.21 -21.58 9.18
C GLN I 275 -36.80 -22.18 7.94
N ALA I 276 -37.94 -21.59 7.48
CA ALA I 276 -38.67 -22.01 6.30
C ALA I 276 -37.83 -21.81 5.07
N MET I 277 -37.04 -20.70 5.05
CA MET I 277 -36.17 -20.35 3.96
C MET I 277 -35.00 -21.29 3.86
N LEU I 278 -34.45 -21.74 5.03
CA LEU I 278 -33.28 -22.58 5.10
C LEU I 278 -33.58 -23.99 4.68
N ASP I 279 -34.84 -24.45 4.86
CA ASP I 279 -35.28 -25.74 4.37
C ASP I 279 -35.22 -25.81 2.85
N ALA I 280 -35.59 -24.70 2.18
CA ALA I 280 -35.57 -24.56 0.74
C ALA I 280 -34.19 -24.58 0.16
N VAL I 281 -33.17 -24.06 0.91
CA VAL I 281 -31.76 -24.08 0.55
C VAL I 281 -31.29 -25.51 0.41
N ILE I 282 -31.68 -26.34 1.39
CA ILE I 282 -31.33 -27.74 1.46
C ILE I 282 -32.01 -28.49 0.34
N ASP I 283 -33.32 -28.22 0.09
CA ASP I 283 -34.06 -28.87 -0.97
C ASP I 283 -33.64 -28.52 -2.39
N TYR I 284 -33.34 -27.24 -2.72
CA TYR I 284 -33.32 -26.79 -4.11
C TYR I 284 -32.02 -26.22 -4.57
N LEU I 285 -31.20 -25.60 -3.70
CA LEU I 285 -29.88 -25.16 -4.09
C LEU I 285 -28.89 -26.31 -4.21
N PRO I 286 -27.83 -26.21 -5.03
CA PRO I 286 -26.90 -27.29 -5.34
C PRO I 286 -26.22 -27.98 -4.17
N SER I 287 -25.68 -29.17 -4.45
CA SER I 287 -24.86 -29.96 -3.56
C SER I 287 -23.63 -30.43 -4.32
N PRO I 288 -22.67 -31.10 -3.66
CA PRO I 288 -21.47 -31.64 -4.28
C PRO I 288 -21.72 -32.76 -5.25
N VAL I 289 -22.97 -33.20 -5.49
CA VAL I 289 -23.26 -34.23 -6.47
C VAL I 289 -23.37 -33.53 -7.81
N ASP I 290 -23.54 -32.18 -7.77
CA ASP I 290 -23.64 -31.32 -8.91
C ASP I 290 -22.31 -30.67 -9.12
N VAL I 291 -21.41 -30.70 -8.10
CA VAL I 291 -20.06 -30.21 -8.22
C VAL I 291 -19.16 -31.16 -7.46
N PRO I 292 -18.79 -32.34 -7.98
CA PRO I 292 -17.86 -33.23 -7.30
C PRO I 292 -16.50 -32.96 -7.87
N ALA I 293 -16.48 -32.28 -9.03
CA ALA I 293 -15.32 -32.01 -9.81
C ALA I 293 -14.77 -30.66 -9.51
N ILE I 294 -13.50 -30.49 -9.92
CA ILE I 294 -12.82 -29.23 -9.96
C ILE I 294 -11.95 -29.45 -11.17
N ASN I 295 -11.88 -28.45 -12.07
CA ASN I 295 -11.28 -28.60 -13.37
C ASN I 295 -10.14 -27.64 -13.43
N GLY I 296 -8.98 -28.15 -13.89
CA GLY I 296 -7.82 -27.35 -14.15
C GLY I 296 -7.28 -27.59 -15.51
N ILE I 297 -5.99 -27.25 -15.63
CA ILE I 297 -5.15 -27.31 -16.79
C ILE I 297 -3.83 -27.59 -16.15
N LEU I 298 -2.83 -28.11 -16.89
CA LEU I 298 -1.51 -28.34 -16.33
C LEU I 298 -0.82 -27.09 -15.85
N ASP I 299 -0.01 -27.26 -14.77
CA ASP I 299 0.74 -26.20 -14.13
C ASP I 299 2.00 -25.98 -14.93
N ASP I 300 2.43 -27.03 -15.68
CA ASP I 300 3.55 -26.96 -16.58
C ASP I 300 2.91 -26.56 -17.87
N GLY I 301 3.18 -25.29 -18.29
CA GLY I 301 2.54 -24.68 -19.44
C GLY I 301 1.07 -24.59 -19.20
N LYS I 302 0.28 -24.88 -20.26
CA LYS I 302 -1.15 -24.83 -20.27
C LYS I 302 -1.49 -25.85 -21.32
N ASP I 303 -0.67 -26.93 -21.37
CA ASP I 303 -0.71 -27.96 -22.37
C ASP I 303 -1.99 -28.72 -22.49
N THR I 304 -2.60 -29.20 -21.37
CA THR I 304 -3.81 -30.01 -21.47
C THR I 304 -4.73 -29.75 -20.29
N PRO I 305 -6.05 -29.71 -20.48
CA PRO I 305 -7.03 -29.62 -19.41
C PRO I 305 -7.03 -30.90 -18.62
N ALA I 306 -7.20 -30.83 -17.28
CA ALA I 306 -7.23 -32.03 -16.48
C ALA I 306 -8.39 -31.84 -15.56
N GLU I 307 -9.21 -32.91 -15.44
CA GLU I 307 -10.46 -32.91 -14.73
C GLU I 307 -10.32 -33.83 -13.56
N ARG I 308 -10.74 -33.33 -12.37
CA ARG I 308 -10.79 -34.12 -11.16
C ARG I 308 -12.25 -34.44 -11.00
N HIS I 309 -12.56 -35.53 -10.26
CA HIS I 309 -13.91 -35.91 -9.93
C HIS I 309 -13.80 -36.62 -8.62
N ALA I 310 -14.83 -36.47 -7.74
CA ALA I 310 -14.85 -37.07 -6.43
C ALA I 310 -14.75 -38.56 -6.47
N SER I 311 -13.90 -39.11 -5.57
CA SER I 311 -13.59 -40.51 -5.43
C SER I 311 -12.40 -40.51 -4.54
N ASP I 312 -12.45 -41.31 -3.45
CA ASP I 312 -11.40 -41.47 -2.47
C ASP I 312 -10.21 -42.12 -3.10
N ASP I 313 -10.48 -43.05 -4.05
CA ASP I 313 -9.53 -43.82 -4.81
C ASP I 313 -8.68 -42.95 -5.68
N GLU I 314 -9.30 -41.93 -6.34
CA GLU I 314 -8.60 -40.91 -7.08
C GLU I 314 -7.69 -40.11 -6.16
N PRO I 315 -6.49 -39.68 -6.57
CA PRO I 315 -5.67 -38.71 -5.86
C PRO I 315 -6.37 -37.50 -5.29
N PHE I 316 -5.78 -36.95 -4.21
CA PHE I 316 -6.23 -35.80 -3.48
C PHE I 316 -6.25 -34.56 -4.35
N SER I 317 -7.25 -33.70 -4.09
CA SER I 317 -7.36 -32.39 -4.66
C SER I 317 -8.32 -31.68 -3.77
N ALA I 318 -7.94 -30.46 -3.41
CA ALA I 318 -8.69 -29.64 -2.51
C ALA I 318 -8.34 -28.25 -2.89
N LEU I 319 -9.27 -27.31 -2.64
CA LEU I 319 -9.02 -25.93 -2.91
C LEU I 319 -9.05 -25.31 -1.55
N ALA I 320 -7.96 -24.58 -1.20
CA ALA I 320 -7.85 -23.75 -0.05
C ALA I 320 -8.53 -22.47 -0.31
N PHE I 321 -9.42 -22.05 0.62
CA PHE I 321 -10.25 -20.90 0.40
C PHE I 321 -10.07 -19.86 1.46
N LYS I 322 -9.32 -20.15 2.56
CA LYS I 322 -9.09 -19.14 3.57
C LYS I 322 -7.87 -19.48 4.39
N ILE I 323 -7.16 -18.43 4.91
CA ILE I 323 -6.07 -18.60 5.84
C ILE I 323 -6.35 -17.79 7.08
N ALA I 324 -6.26 -18.45 8.26
CA ALA I 324 -6.31 -17.84 9.56
C ALA I 324 -5.02 -18.20 10.21
N THR I 325 -4.54 -17.42 11.21
CA THR I 325 -3.33 -17.76 11.94
C THR I 325 -3.74 -18.05 13.34
N ASP I 326 -3.87 -19.36 13.64
CA ASP I 326 -4.14 -19.95 14.92
C ASP I 326 -2.90 -19.90 15.78
N PRO I 327 -2.90 -19.54 17.05
CA PRO I 327 -1.69 -19.48 17.85
C PRO I 327 -1.19 -20.87 18.21
N PHE I 328 -1.96 -21.95 17.89
CA PHE I 328 -1.68 -23.31 18.29
C PHE I 328 -0.41 -23.83 17.66
N VAL I 329 -0.30 -23.76 16.31
CA VAL I 329 0.84 -24.27 15.56
C VAL I 329 0.86 -23.43 14.30
N GLY I 330 0.24 -22.22 14.34
CA GLY I 330 0.32 -21.27 13.26
C GLY I 330 -0.88 -21.31 12.34
N ASN I 331 -0.58 -21.06 11.05
CA ASN I 331 -1.52 -20.84 10.00
C ASN I 331 -2.34 -22.06 9.72
N LEU I 332 -3.68 -21.88 9.67
CA LEU I 332 -4.62 -22.92 9.35
C LEU I 332 -5.13 -22.46 8.04
N THR I 333 -5.12 -23.42 7.10
CA THR I 333 -5.47 -23.21 5.73
C THR I 333 -6.62 -24.12 5.54
N PHE I 334 -7.83 -23.52 5.56
CA PHE I 334 -9.10 -24.17 5.35
C PHE I 334 -9.21 -24.53 3.90
N PHE I 335 -9.71 -25.74 3.62
CA PHE I 335 -9.83 -26.25 2.28
C PHE I 335 -11.04 -27.14 2.22
N ARG I 336 -11.64 -27.23 1.01
CA ARG I 336 -12.73 -28.12 0.69
C ARG I 336 -12.11 -29.14 -0.22
N VAL I 337 -12.37 -30.44 0.06
CA VAL I 337 -11.84 -31.56 -0.68
C VAL I 337 -12.82 -31.93 -1.75
N TYR I 338 -12.33 -32.11 -3.00
CA TYR I 338 -13.20 -32.44 -4.11
C TYR I 338 -13.01 -33.89 -4.40
N SER I 339 -11.74 -34.34 -4.45
CA SER I 339 -11.41 -35.73 -4.71
C SER I 339 -10.35 -36.16 -3.76
N GLY I 340 -10.25 -37.49 -3.58
CA GLY I 340 -9.23 -38.15 -2.81
C GLY I 340 -9.28 -37.88 -1.35
N VAL I 341 -8.12 -38.09 -0.70
CA VAL I 341 -8.05 -38.19 0.72
C VAL I 341 -6.69 -37.71 1.11
N VAL I 342 -6.61 -37.00 2.26
CA VAL I 342 -5.31 -36.67 2.82
C VAL I 342 -5.38 -37.01 4.28
N ASN I 343 -4.23 -37.48 4.78
CA ASN I 343 -4.01 -37.97 6.11
C ASN I 343 -2.93 -37.12 6.71
N SER I 344 -3.02 -36.86 8.03
CA SER I 344 -2.03 -36.16 8.83
C SER I 344 -0.66 -36.79 8.68
N GLY I 345 0.37 -35.93 8.48
CA GLY I 345 1.74 -36.37 8.39
C GLY I 345 2.09 -36.82 7.00
N ASP I 346 1.48 -36.19 5.97
CA ASP I 346 1.69 -36.49 4.58
C ASP I 346 2.38 -35.30 3.95
N THR I 347 2.82 -35.45 2.69
CA THR I 347 3.36 -34.37 1.89
C THR I 347 2.27 -34.08 0.90
N VAL I 348 1.90 -32.79 0.67
CA VAL I 348 0.95 -32.47 -0.37
C VAL I 348 1.63 -31.47 -1.27
N LEU I 349 1.05 -31.23 -2.47
CA LEU I 349 1.58 -30.36 -3.48
C LEU I 349 0.80 -29.08 -3.54
N ASN I 350 1.53 -27.94 -3.62
CA ASN I 350 1.01 -26.65 -3.99
C ASN I 350 1.28 -26.58 -5.46
N SER I 351 0.29 -27.03 -6.24
CA SER I 351 0.40 -27.32 -7.64
C SER I 351 0.06 -26.15 -8.52
N VAL I 352 0.25 -24.90 -8.04
CA VAL I 352 -0.02 -23.73 -8.84
C VAL I 352 1.12 -22.75 -8.74
N LYS I 353 1.83 -22.70 -7.59
CA LYS I 353 3.00 -21.86 -7.45
C LYS I 353 4.19 -22.76 -7.29
N ALA I 354 3.96 -24.07 -7.52
CA ALA I 354 4.92 -25.15 -7.58
C ALA I 354 5.84 -25.31 -6.39
N ALA I 355 5.26 -25.51 -5.17
CA ALA I 355 6.07 -25.77 -4.00
C ALA I 355 5.57 -27.04 -3.40
N ARG I 356 6.47 -27.78 -2.70
CA ARG I 356 6.13 -28.93 -1.91
C ARG I 356 5.66 -28.46 -0.57
N GLU I 357 4.63 -29.13 0.00
CA GLU I 357 4.05 -28.78 1.27
C GLU I 357 4.19 -29.92 2.21
N ARG I 358 4.46 -29.61 3.50
CA ARG I 358 4.41 -30.57 4.56
C ARG I 358 3.06 -30.41 5.21
N PHE I 359 2.15 -31.39 4.97
CA PHE I 359 0.90 -31.55 5.66
C PHE I 359 1.21 -32.05 7.06
N GLY I 360 1.14 -31.17 8.07
CA GLY I 360 1.35 -31.52 9.46
C GLY I 360 0.07 -32.09 10.00
N ARG I 361 -0.54 -31.36 10.96
CA ARG I 361 -1.64 -31.84 11.76
C ARG I 361 -2.83 -31.24 11.07
N ILE I 362 -3.96 -31.97 11.05
CA ILE I 362 -5.16 -31.49 10.43
C ILE I 362 -6.20 -31.45 11.51
N VAL I 363 -7.09 -30.45 11.44
CA VAL I 363 -8.03 -30.12 12.48
C VAL I 363 -9.31 -29.82 11.77
N GLN I 364 -10.47 -30.10 12.42
CA GLN I 364 -11.72 -29.56 11.94
C GLN I 364 -12.18 -28.69 13.07
N MET I 365 -12.58 -27.47 12.69
CA MET I 365 -12.95 -26.41 13.57
C MET I 365 -14.44 -26.36 13.61
N HIS I 366 -15.07 -26.92 14.68
CA HIS I 366 -16.48 -26.72 14.89
C HIS I 366 -16.62 -25.36 15.51
N ALA I 367 -17.84 -24.80 15.57
CA ALA I 367 -18.02 -23.42 15.92
C ALA I 367 -18.20 -23.23 17.40
N ASN I 368 -17.62 -24.14 18.20
CA ASN I 368 -17.93 -24.31 19.59
C ASN I 368 -16.72 -24.93 20.22
N LYS I 369 -15.84 -25.57 19.40
CA LYS I 369 -14.79 -26.38 19.97
C LYS I 369 -13.84 -26.67 18.84
N ARG I 370 -12.62 -27.13 19.17
CA ARG I 370 -11.59 -27.48 18.22
C ARG I 370 -11.45 -28.96 18.38
N GLU I 371 -11.49 -29.72 17.26
CA GLU I 371 -11.35 -31.15 17.31
C GLU I 371 -10.29 -31.48 16.31
N GLU I 372 -9.17 -32.10 16.76
CA GLU I 372 -8.14 -32.57 15.87
C GLU I 372 -8.56 -33.87 15.25
N ILE I 373 -8.33 -34.01 13.93
CA ILE I 373 -8.75 -35.15 13.15
C ILE I 373 -7.47 -35.64 12.51
N LYS I 374 -7.52 -36.84 11.89
CA LYS I 374 -6.34 -37.39 11.27
C LYS I 374 -6.59 -37.56 9.80
N GLU I 375 -7.86 -37.61 9.35
CA GLU I 375 -8.11 -37.85 7.94
C GLU I 375 -9.26 -37.04 7.44
N VAL I 376 -9.18 -36.67 6.15
CA VAL I 376 -10.26 -36.11 5.37
C VAL I 376 -10.44 -36.95 4.16
N ARG I 377 -11.74 -37.11 3.79
CA ARG I 377 -12.23 -37.96 2.73
C ARG I 377 -12.74 -37.01 1.68
N ALA I 378 -13.06 -37.54 0.48
CA ALA I 378 -13.58 -36.78 -0.62
C ALA I 378 -14.95 -36.25 -0.27
N GLY I 379 -15.06 -34.91 -0.23
CA GLY I 379 -16.28 -34.22 0.09
C GLY I 379 -16.14 -33.50 1.41
N ASP I 380 -15.13 -33.91 2.24
CA ASP I 380 -14.94 -33.38 3.59
C ASP I 380 -14.30 -32.03 3.49
N ILE I 381 -14.43 -31.22 4.57
CA ILE I 381 -13.82 -29.91 4.64
C ILE I 381 -13.03 -29.96 5.93
N ALA I 382 -11.83 -29.33 5.96
CA ALA I 382 -10.97 -29.31 7.13
C ALA I 382 -9.93 -28.26 6.90
N ALA I 383 -9.17 -27.92 7.96
CA ALA I 383 -8.07 -27.01 7.89
C ALA I 383 -6.81 -27.74 8.27
N ALA I 384 -5.76 -27.61 7.42
CA ALA I 384 -4.44 -28.12 7.73
C ALA I 384 -3.66 -27.04 8.40
N ILE I 385 -2.86 -27.42 9.43
CA ILE I 385 -1.99 -26.50 10.12
C ILE I 385 -0.64 -26.72 9.49
N GLY I 386 -0.01 -25.62 9.02
CA GLY I 386 1.33 -25.61 8.49
C GLY I 386 1.30 -26.06 7.05
N LEU I 387 1.49 -25.12 6.10
CA LEU I 387 1.66 -25.40 4.69
C LEU I 387 2.62 -24.36 4.18
N LYS I 388 3.34 -24.69 3.09
CA LYS I 388 4.48 -23.96 2.59
C LYS I 388 4.12 -22.79 1.71
N ASP I 389 3.01 -22.87 0.95
CA ASP I 389 2.76 -21.95 -0.14
C ASP I 389 1.30 -22.07 -0.52
N VAL I 390 0.52 -22.92 0.20
CA VAL I 390 -0.91 -22.96 0.03
C VAL I 390 -1.49 -21.98 1.01
N THR I 391 -2.26 -21.01 0.47
CA THR I 391 -2.84 -19.91 1.18
C THR I 391 -4.22 -19.79 0.56
N THR I 392 -4.82 -18.56 0.49
CA THR I 392 -6.17 -18.39 0.00
C THR I 392 -6.19 -18.45 -1.50
N GLY I 393 -6.97 -19.43 -2.02
CA GLY I 393 -7.24 -19.63 -3.42
C GLY I 393 -6.34 -20.68 -3.99
N ASP I 394 -5.24 -20.98 -3.27
CA ASP I 394 -4.21 -21.94 -3.59
C ASP I 394 -4.69 -23.35 -3.54
N THR I 395 -4.06 -24.20 -4.37
CA THR I 395 -4.46 -25.55 -4.63
C THR I 395 -3.59 -26.47 -3.83
N LEU I 396 -4.24 -27.49 -3.22
CA LEU I 396 -3.63 -28.59 -2.53
C LEU I 396 -3.95 -29.77 -3.38
N CYS I 397 -2.98 -30.67 -3.56
CA CYS I 397 -3.23 -31.91 -4.24
C CYS I 397 -2.30 -32.88 -3.59
N ASP I 398 -2.32 -34.16 -4.00
CA ASP I 398 -1.48 -35.26 -3.52
C ASP I 398 0.00 -34.91 -3.55
N PRO I 399 0.95 -35.66 -2.96
CA PRO I 399 2.40 -35.37 -2.92
C PRO I 399 2.96 -34.70 -4.15
N ASP I 400 2.55 -35.16 -5.34
CA ASP I 400 2.90 -34.55 -6.58
C ASP I 400 1.70 -34.74 -7.46
N ALA I 401 1.32 -33.67 -8.19
CA ALA I 401 0.27 -33.66 -9.18
C ALA I 401 0.14 -32.22 -9.62
N PRO I 402 0.92 -31.74 -10.60
CA PRO I 402 0.71 -30.47 -11.30
C PRO I 402 -0.67 -30.33 -11.90
N ILE I 403 -1.38 -29.22 -11.57
CA ILE I 403 -2.71 -28.95 -12.04
C ILE I 403 -3.12 -27.65 -11.39
N ILE I 404 -3.59 -26.70 -12.23
CA ILE I 404 -4.01 -25.38 -11.86
C ILE I 404 -5.45 -25.47 -11.47
N LEU I 405 -5.73 -25.37 -10.15
CA LEU I 405 -7.05 -25.47 -9.59
C LEU I 405 -7.33 -24.13 -8.94
N GLU I 406 -6.37 -23.19 -9.09
CA GLU I 406 -6.41 -21.84 -8.59
C GLU I 406 -6.44 -21.02 -9.84
N ARG I 407 -7.59 -20.35 -10.10
CA ARG I 407 -7.83 -19.64 -11.33
C ARG I 407 -7.97 -18.18 -11.01
N MET I 408 -7.50 -17.78 -9.80
CA MET I 408 -7.34 -16.41 -9.39
C MET I 408 -6.58 -16.49 -8.10
N GLU I 409 -5.28 -16.18 -8.26
CA GLU I 409 -4.21 -16.22 -7.28
C GLU I 409 -4.42 -15.36 -6.08
N PHE I 410 -3.71 -15.70 -4.97
CA PHE I 410 -3.75 -14.99 -3.72
C PHE I 410 -3.27 -13.55 -3.89
N PRO I 411 -2.22 -13.21 -4.65
CA PRO I 411 -1.89 -11.81 -4.95
C PRO I 411 -3.06 -11.17 -5.68
N GLU I 412 -3.56 -10.03 -5.19
CA GLU I 412 -4.79 -9.45 -5.68
C GLU I 412 -4.52 -8.00 -5.96
N PRO I 413 -5.33 -7.31 -6.76
CA PRO I 413 -5.18 -5.91 -7.15
C PRO I 413 -4.80 -4.93 -6.07
N VAL I 414 -4.09 -3.86 -6.46
CA VAL I 414 -3.56 -2.86 -5.57
C VAL I 414 -4.63 -1.82 -5.35
N ILE I 415 -5.46 -2.05 -4.32
CA ILE I 415 -6.50 -1.14 -3.90
C ILE I 415 -5.99 -0.82 -2.55
N SER I 416 -5.66 0.47 -2.34
CA SER I 416 -4.83 0.83 -1.22
C SER I 416 -5.39 2.00 -0.51
N ILE I 417 -4.96 2.10 0.76
CA ILE I 417 -5.19 3.22 1.64
C ILE I 417 -3.77 3.40 2.09
N ALA I 418 -3.42 4.65 2.43
CA ALA I 418 -2.06 5.04 2.64
C ALA I 418 -1.90 5.25 4.09
N VAL I 419 -0.81 4.66 4.61
CA VAL I 419 -0.49 4.70 6.00
C VAL I 419 0.81 5.44 5.90
N GLU I 420 0.90 6.53 6.68
CA GLU I 420 1.90 7.52 6.46
C GLU I 420 2.58 7.83 7.74
N PRO I 421 3.89 7.74 7.88
CA PRO I 421 4.58 8.17 9.07
C PRO I 421 4.90 9.63 8.84
N LYS I 422 5.34 10.37 9.87
CA LYS I 422 5.58 11.79 9.72
C LYS I 422 6.82 12.12 10.46
N THR I 423 7.07 11.38 11.55
CA THR I 423 8.20 11.57 12.40
C THR I 423 9.02 10.34 12.31
N LYS I 424 10.30 10.40 12.72
CA LYS I 424 11.17 9.25 12.79
C LYS I 424 10.60 8.21 13.72
N ALA I 425 9.95 8.65 14.82
CA ALA I 425 9.25 7.79 15.75
C ALA I 425 8.20 6.95 15.04
N ASP I 426 7.44 7.57 14.10
CA ASP I 426 6.43 6.89 13.31
C ASP I 426 7.05 5.98 12.29
N GLN I 427 8.23 6.36 11.74
CA GLN I 427 8.97 5.56 10.76
C GLN I 427 9.44 4.29 11.41
N GLU I 428 9.90 4.33 12.69
CA GLU I 428 10.35 3.15 13.41
C GLU I 428 9.23 2.16 13.61
N LYS I 429 8.03 2.67 14.02
CA LYS I 429 6.85 1.89 14.30
C LYS I 429 6.29 1.22 13.05
N MET I 430 6.44 1.93 11.90
CA MET I 430 6.03 1.49 10.59
C MET I 430 6.76 0.24 10.19
N GLY I 431 8.11 0.24 10.35
CA GLY I 431 8.99 -0.87 10.00
C GLY I 431 8.59 -2.15 10.68
N LEU I 432 8.21 -2.09 11.98
CA LEU I 432 7.83 -3.25 12.76
C LEU I 432 6.53 -3.83 12.24
N ALA I 433 5.56 -2.92 11.91
CA ALA I 433 4.27 -3.32 11.39
C ALA I 433 4.33 -4.02 10.07
N LEU I 434 5.21 -3.56 9.13
CA LEU I 434 5.30 -4.09 7.77
C LEU I 434 5.84 -5.49 7.76
N GLY I 435 6.80 -5.77 8.67
CA GLY I 435 7.46 -7.05 8.82
C GLY I 435 6.45 -8.06 9.28
N ARG I 436 5.59 -7.62 10.22
CA ARG I 436 4.59 -8.45 10.83
C ARG I 436 3.50 -8.78 9.84
N LEU I 437 3.09 -7.79 9.01
CA LEU I 437 2.05 -7.96 8.01
C LEU I 437 2.45 -8.93 6.95
N ALA I 438 3.74 -8.92 6.53
CA ALA I 438 4.24 -9.78 5.48
C ALA I 438 4.19 -11.24 5.86
N LYS I 439 4.49 -11.55 7.14
CA LYS I 439 4.57 -12.91 7.60
C LYS I 439 3.23 -13.59 7.75
N GLU I 440 2.15 -12.82 8.05
CA GLU I 440 0.83 -13.41 8.17
C GLU I 440 0.09 -13.39 6.86
N ASP I 441 0.44 -12.42 5.98
CA ASP I 441 -0.22 -12.26 4.72
C ASP I 441 0.87 -11.91 3.73
N PRO I 442 1.21 -12.75 2.75
CA PRO I 442 2.34 -12.48 1.87
C PRO I 442 1.81 -11.74 0.67
N SER I 443 0.47 -11.53 0.58
CA SER I 443 -0.20 -11.07 -0.60
C SER I 443 -0.81 -9.73 -0.35
N PHE I 444 -0.40 -9.05 0.75
CA PHE I 444 -0.67 -7.65 0.97
C PHE I 444 0.26 -6.87 0.08
N ARG I 445 0.01 -5.55 -0.09
CA ARG I 445 0.92 -4.74 -0.86
C ARG I 445 1.31 -3.61 0.02
N VAL I 446 2.55 -3.18 -0.23
CA VAL I 446 3.23 -2.11 0.40
C VAL I 446 3.90 -1.43 -0.76
N TRP I 447 4.20 -0.12 -0.61
CA TRP I 447 5.00 0.64 -1.55
C TRP I 447 5.87 1.26 -0.50
N THR I 448 7.17 1.48 -0.81
CA THR I 448 8.12 1.97 0.16
C THR I 448 9.43 2.26 -0.53
N ASP I 449 10.21 3.17 0.09
CA ASP I 449 11.62 3.35 -0.14
C ASP I 449 12.09 3.58 1.26
N GLU I 450 13.42 3.65 1.47
CA GLU I 450 13.97 3.84 2.79
C GLU I 450 13.70 5.21 3.34
N GLU I 451 13.23 5.25 4.63
CA GLU I 451 12.99 6.40 5.46
C GLU I 451 11.81 7.27 5.05
N SER I 452 11.38 7.19 3.78
CA SER I 452 10.27 7.95 3.29
C SER I 452 9.80 7.23 2.07
N ASN I 453 8.65 7.68 1.49
CA ASN I 453 8.06 7.16 0.27
C ASN I 453 7.26 5.95 0.66
N GLN I 454 6.76 5.93 1.90
CA GLN I 454 6.23 4.75 2.52
C GLN I 454 5.04 5.16 3.35
N THR I 455 3.93 4.37 3.46
CA THR I 455 3.60 3.15 2.75
C THR I 455 2.24 3.28 2.12
N ILE I 456 2.04 2.61 0.96
CA ILE I 456 0.67 2.54 0.46
C ILE I 456 0.34 1.08 0.68
N ILE I 457 -0.76 0.83 1.40
CA ILE I 457 -1.09 -0.49 1.90
C ILE I 457 -2.33 -1.01 1.25
N ALA I 458 -2.26 -2.28 0.73
CA ALA I 458 -3.36 -2.97 0.10
C ALA I 458 -3.60 -4.27 0.81
N GLY I 459 -4.90 -4.67 0.93
CA GLY I 459 -5.33 -5.90 1.55
C GLY I 459 -5.55 -6.97 0.51
N MET I 460 -6.61 -7.80 0.71
CA MET I 460 -6.79 -9.04 -0.03
C MET I 460 -8.18 -9.58 0.20
N GLY I 461 -9.05 -8.83 0.92
CA GLY I 461 -10.39 -9.28 1.17
C GLY I 461 -11.11 -8.13 1.81
N GLU I 462 -12.45 -8.26 1.99
CA GLU I 462 -13.29 -7.17 2.42
C GLU I 462 -12.94 -6.64 3.79
N LEU I 463 -12.70 -7.56 4.77
CA LEU I 463 -12.25 -7.18 6.09
C LEU I 463 -10.83 -6.69 6.09
N HIS I 464 -10.01 -7.36 5.26
CA HIS I 464 -8.58 -7.28 5.26
C HIS I 464 -7.97 -5.95 5.02
N LEU I 465 -8.43 -5.18 4.00
CA LEU I 465 -7.81 -3.90 3.69
C LEU I 465 -8.00 -2.95 4.85
N ASP I 466 -9.20 -2.97 5.48
CA ASP I 466 -9.48 -2.16 6.64
C ASP I 466 -8.68 -2.58 7.85
N ILE I 467 -8.55 -3.91 8.11
CA ILE I 467 -7.91 -4.44 9.30
C ILE I 467 -6.46 -4.06 9.40
N ILE I 468 -5.71 -4.19 8.29
CA ILE I 468 -4.29 -3.94 8.26
C ILE I 468 -3.99 -2.48 8.46
N VAL I 469 -4.79 -1.60 7.81
CA VAL I 469 -4.59 -0.17 7.83
C VAL I 469 -4.91 0.34 9.19
N ASP I 470 -6.04 -0.14 9.80
CA ASP I 470 -6.40 0.22 11.15
C ASP I 470 -5.37 -0.11 12.18
N ARG I 471 -4.73 -1.30 12.13
CA ARG I 471 -3.81 -1.71 13.17
C ARG I 471 -2.58 -0.85 13.14
N MET I 472 -2.13 -0.46 11.92
CA MET I 472 -0.96 0.38 11.79
C MET I 472 -1.18 1.77 12.33
N LYS I 473 -2.36 2.37 12.04
CA LYS I 473 -2.62 3.73 12.48
C LYS I 473 -3.06 3.82 13.92
N ARG I 474 -3.71 2.77 14.45
CA ARG I 474 -4.24 2.74 15.80
C ARG I 474 -3.20 2.30 16.78
N GLU I 475 -2.95 0.96 16.81
CA GLU I 475 -2.15 0.31 17.82
C GLU I 475 -0.72 0.72 17.80
N PHE I 476 -0.15 0.86 16.58
CA PHE I 476 1.26 1.08 16.42
C PHE I 476 1.48 2.48 15.95
N ASN I 477 0.41 3.32 15.92
CA ASN I 477 0.44 4.74 15.62
C ASN I 477 0.99 5.10 14.25
N VAL I 478 0.70 6.33 13.81
CA VAL I 478 1.09 6.85 12.52
C VAL I 478 0.41 8.18 12.45
N GLU I 479 1.14 9.19 11.89
CA GLU I 479 0.62 10.52 11.74
C GLU I 479 0.43 10.70 10.25
N ALA I 480 -0.86 10.60 9.85
CA ALA I 480 -1.36 10.52 8.50
C ALA I 480 -1.04 11.67 7.57
N ASN I 481 -1.16 11.35 6.26
CA ASN I 481 -1.12 12.25 5.13
C ASN I 481 0.21 12.89 4.91
N VAL I 482 1.27 12.06 4.81
CA VAL I 482 2.61 12.52 4.55
C VAL I 482 3.15 11.65 3.45
N GLY I 483 3.90 10.56 3.78
CA GLY I 483 4.59 9.77 2.79
C GLY I 483 3.80 8.56 2.42
N LYS I 484 3.95 8.08 1.15
CA LYS I 484 3.24 6.89 0.72
C LYS I 484 3.70 6.26 -0.59
N PRO I 485 4.58 6.72 -1.51
CA PRO I 485 4.80 5.89 -2.70
C PRO I 485 6.24 5.92 -3.19
N GLN I 486 6.79 4.72 -3.49
CA GLN I 486 8.10 4.49 -4.06
C GLN I 486 8.32 5.20 -5.38
N VAL I 487 9.58 5.65 -5.60
CA VAL I 487 9.98 6.48 -6.71
C VAL I 487 11.38 6.08 -7.13
N ALA I 488 11.89 6.72 -8.21
CA ALA I 488 13.16 6.42 -8.83
C ALA I 488 13.21 7.34 -10.02
N TYR I 489 14.36 8.05 -10.24
CA TYR I 489 14.43 9.05 -11.28
C TYR I 489 15.81 9.12 -11.89
N ARG I 490 15.90 9.97 -12.95
CA ARG I 490 17.08 10.30 -13.70
C ARG I 490 16.83 11.72 -14.13
N GLU I 491 17.92 12.49 -14.36
CA GLU I 491 17.81 13.86 -14.81
C GLU I 491 17.77 13.84 -16.30
N THR I 492 17.31 14.95 -16.93
CA THR I 492 17.24 15.03 -18.37
C THR I 492 17.62 16.44 -18.77
N ILE I 493 18.24 17.18 -17.81
CA ILE I 493 18.80 18.53 -17.87
C ILE I 493 19.36 18.93 -19.21
N ARG I 494 18.96 20.12 -19.69
CA ARG I 494 19.41 20.64 -20.95
C ARG I 494 19.32 22.12 -20.87
N GLN I 495 20.17 22.84 -21.63
CA GLN I 495 20.21 24.29 -21.67
C GLN I 495 21.45 24.60 -22.44
N LYS I 496 21.38 25.59 -23.36
CA LYS I 496 22.54 26.07 -24.07
C LYS I 496 23.08 27.27 -23.36
N VAL I 497 24.10 27.03 -22.49
CA VAL I 497 24.80 28.04 -21.74
C VAL I 497 26.28 27.84 -22.00
N THR I 498 26.84 28.70 -22.87
CA THR I 498 28.20 28.75 -23.36
C THR I 498 29.28 28.69 -22.30
N ASP I 499 29.09 29.40 -21.16
CA ASP I 499 30.13 29.59 -20.18
C ASP I 499 29.81 28.88 -18.91
N VAL I 500 30.87 28.25 -18.37
CA VAL I 500 31.26 28.40 -16.99
C VAL I 500 32.75 28.17 -17.10
N GLU I 501 33.53 29.09 -16.48
CA GLU I 501 34.98 29.00 -16.41
C GLU I 501 35.39 28.54 -15.05
N GLY I 502 36.35 27.60 -14.99
CA GLY I 502 37.04 27.25 -13.79
C GLY I 502 38.48 27.46 -14.08
N LYS I 503 39.16 28.43 -13.41
CA LYS I 503 40.56 28.66 -13.65
C LYS I 503 41.23 28.65 -12.32
N HIS I 504 42.25 27.76 -12.20
CA HIS I 504 43.13 27.60 -11.09
C HIS I 504 44.50 27.81 -11.66
N ALA I 505 45.27 28.81 -11.18
CA ALA I 505 46.61 28.98 -11.69
C ALA I 505 47.42 29.51 -10.55
N LYS I 506 47.71 28.64 -9.55
CA LYS I 506 48.50 29.05 -8.41
C LYS I 506 49.68 28.14 -8.24
N GLN I 507 50.36 28.31 -7.09
CA GLN I 507 51.53 27.56 -6.71
C GLN I 507 51.09 26.42 -5.85
N SER I 508 49.88 26.55 -5.23
CA SER I 508 49.23 25.51 -4.49
C SER I 508 48.69 24.47 -5.44
N GLY I 509 48.63 23.16 -5.09
CA GLY I 509 49.14 22.54 -3.88
C GLY I 509 50.41 21.85 -4.29
N GLY I 510 51.39 21.75 -3.37
CA GLY I 510 52.65 21.08 -3.63
C GLY I 510 53.46 21.88 -4.61
N ARG I 511 53.65 21.35 -5.85
CA ARG I 511 54.28 22.05 -6.93
C ARG I 511 53.27 23.02 -7.49
N GLY I 512 53.67 23.92 -8.42
CA GLY I 512 52.73 24.76 -9.14
C GLY I 512 51.68 23.95 -9.85
N GLN I 513 50.40 24.35 -9.70
CA GLN I 513 49.32 23.58 -10.27
C GLN I 513 48.48 24.55 -10.99
N TYR I 514 48.10 24.17 -12.21
CA TYR I 514 47.37 25.02 -13.08
C TYR I 514 46.42 24.09 -13.76
N GLY I 515 45.13 24.50 -13.83
CA GLY I 515 44.15 23.81 -14.59
C GLY I 515 43.10 24.82 -14.84
N HIS I 516 42.63 24.87 -16.09
CA HIS I 516 41.65 25.83 -16.53
C HIS I 516 40.84 25.20 -17.59
N VAL I 517 39.50 25.22 -17.45
CA VAL I 517 38.61 24.73 -18.47
C VAL I 517 37.49 25.72 -18.52
N VAL I 518 36.95 25.90 -19.74
CA VAL I 518 35.70 26.57 -20.02
C VAL I 518 34.83 25.55 -20.68
N ILE I 519 33.57 25.40 -20.22
CA ILE I 519 32.69 24.41 -20.78
C ILE I 519 31.36 25.03 -21.09
N ASP I 520 30.80 24.56 -22.22
CA ASP I 520 29.54 24.89 -22.82
C ASP I 520 28.68 23.69 -22.59
N MET I 521 27.51 23.88 -21.95
CA MET I 521 26.57 22.81 -21.76
C MET I 521 25.51 23.18 -22.75
N TYR I 522 25.06 22.18 -23.53
CA TYR I 522 24.16 22.33 -24.64
C TYR I 522 23.17 21.18 -24.54
N PRO I 523 21.92 21.34 -24.99
CA PRO I 523 20.88 20.35 -24.84
C PRO I 523 21.16 19.03 -25.50
N LEU I 524 20.83 17.94 -24.79
CA LEU I 524 20.87 16.60 -25.31
C LEU I 524 19.52 16.05 -24.95
N GLU I 525 18.92 15.29 -25.90
CA GLU I 525 17.65 14.57 -25.87
C GLU I 525 17.23 14.12 -24.49
N PRO I 526 16.05 14.44 -23.95
CA PRO I 526 15.60 13.99 -22.64
C PRO I 526 15.17 12.54 -22.67
N GLY I 527 16.15 11.61 -22.63
CA GLY I 527 15.91 10.19 -22.66
C GLY I 527 15.48 9.66 -21.35
N SER I 528 15.44 8.31 -21.27
CA SER I 528 15.14 7.58 -20.06
C SER I 528 16.45 6.97 -19.61
N ASN I 529 17.58 7.58 -20.03
CA ASN I 529 18.90 7.10 -19.77
C ASN I 529 19.27 7.61 -18.40
N PRO I 530 19.88 6.84 -17.51
CA PRO I 530 20.22 7.33 -16.19
C PRO I 530 21.69 7.69 -16.23
N LYS I 531 22.38 7.33 -17.34
CA LYS I 531 23.77 7.59 -17.55
C LYS I 531 23.98 8.95 -18.15
N GLY I 532 23.17 9.30 -19.19
CA GLY I 532 23.23 10.55 -19.88
C GLY I 532 24.06 10.42 -21.12
N TYR I 533 24.60 11.53 -21.67
CA TYR I 533 25.79 12.23 -21.23
C TYR I 533 26.64 12.18 -22.47
N GLU I 534 26.89 13.33 -23.14
CA GLU I 534 27.70 13.35 -24.35
C GLU I 534 28.76 14.40 -24.22
N PHE I 535 30.05 14.02 -24.41
CA PHE I 535 31.18 14.93 -24.29
C PHE I 535 31.78 15.11 -25.67
N ILE I 536 31.99 16.38 -26.09
CA ILE I 536 32.62 16.75 -27.35
C ILE I 536 33.80 17.63 -27.02
N ASN I 537 34.98 17.35 -27.63
CA ASN I 537 36.15 18.19 -27.47
C ASN I 537 36.16 19.04 -28.70
N ASP I 538 35.77 20.32 -28.55
CA ASP I 538 35.86 21.33 -29.57
C ASP I 538 37.31 21.68 -29.77
N ILE I 539 38.04 21.86 -28.62
CA ILE I 539 39.48 21.97 -28.61
C ILE I 539 39.89 20.90 -27.66
N LYS I 540 40.90 20.09 -28.07
CA LYS I 540 41.28 18.87 -27.40
C LYS I 540 42.39 19.12 -26.41
N GLY I 541 43.65 18.83 -26.82
CA GLY I 541 44.81 18.92 -25.97
C GLY I 541 45.43 20.28 -25.82
N GLY I 542 44.94 21.28 -26.57
CA GLY I 542 45.45 22.63 -26.49
C GLY I 542 44.87 23.46 -25.37
N VAL I 543 43.90 22.91 -24.60
CA VAL I 543 43.21 23.68 -23.60
C VAL I 543 43.43 23.07 -22.26
N ILE I 544 43.59 21.74 -22.21
CA ILE I 544 44.14 21.03 -21.08
C ILE I 544 44.90 19.91 -21.77
N PRO I 545 46.02 19.40 -21.25
CA PRO I 545 46.88 18.40 -21.89
C PRO I 545 46.11 17.25 -22.43
N GLY I 546 46.38 16.77 -23.68
CA GLY I 546 45.58 15.73 -24.28
C GLY I 546 45.49 14.45 -23.49
N GLU I 547 46.60 14.13 -22.78
CA GLU I 547 46.74 12.97 -21.93
C GLU I 547 45.91 13.03 -20.67
N TYR I 548 45.54 14.26 -20.28
CA TYR I 548 44.89 14.59 -19.04
C TYR I 548 43.47 14.99 -19.22
N ILE I 549 42.96 15.10 -20.49
CA ILE I 549 41.61 15.55 -20.70
C ILE I 549 40.62 14.63 -20.01
N PRO I 550 40.64 13.29 -20.00
CA PRO I 550 39.75 12.53 -19.16
C PRO I 550 39.83 12.76 -17.67
N ALA I 551 41.03 12.99 -17.06
CA ALA I 551 41.11 13.12 -15.61
C ALA I 551 40.46 14.36 -15.05
N VAL I 552 40.68 15.50 -15.74
CA VAL I 552 40.14 16.79 -15.41
C VAL I 552 38.65 16.76 -15.50
N ASP I 553 38.17 16.22 -16.65
CA ASP I 553 36.78 16.07 -17.03
C ASP I 553 36.04 15.17 -16.09
N LYS I 554 36.68 14.06 -15.66
CA LYS I 554 36.12 13.11 -14.74
C LYS I 554 35.96 13.75 -13.39
N GLY I 555 36.94 14.60 -12.97
CA GLY I 555 36.84 15.26 -11.69
C GLY I 555 35.66 16.21 -11.62
N ILE I 556 35.40 17.00 -12.70
CA ILE I 556 34.25 17.90 -12.72
C ILE I 556 32.98 17.10 -12.74
N GLN I 557 32.93 16.00 -13.51
CA GLN I 557 31.74 15.22 -13.78
C GLN I 557 31.16 14.69 -12.50
N GLU I 558 32.05 14.10 -11.65
CA GLU I 558 31.69 13.52 -10.38
C GLU I 558 31.17 14.58 -9.46
N GLN I 559 31.88 15.72 -9.40
CA GLN I 559 31.56 16.83 -8.53
C GLN I 559 30.26 17.52 -8.90
N LEU I 560 29.99 17.71 -10.22
CA LEU I 560 28.81 18.35 -10.77
C LEU I 560 27.55 17.65 -10.39
N LYS I 561 27.60 16.29 -10.32
CA LYS I 561 26.48 15.46 -9.98
C LYS I 561 26.02 15.74 -8.57
N ALA I 562 26.99 16.06 -7.68
CA ALA I 562 26.77 16.42 -6.30
C ALA I 562 26.26 17.83 -6.11
N GLY I 563 26.43 18.74 -7.11
CA GLY I 563 26.03 20.12 -6.97
C GLY I 563 24.59 20.31 -7.38
N PRO I 564 23.99 21.48 -7.11
CA PRO I 564 22.71 21.95 -7.65
C PRO I 564 22.26 21.39 -8.96
N LEU I 565 21.16 20.59 -8.95
CA LEU I 565 20.70 19.86 -10.11
C LEU I 565 19.28 19.50 -9.83
N ALA I 566 19.05 18.25 -9.34
CA ALA I 566 17.73 17.78 -9.03
C ALA I 566 17.76 16.60 -8.11
N GLY I 567 18.96 16.17 -7.68
CA GLY I 567 19.14 15.09 -6.74
C GLY I 567 19.41 13.86 -7.53
N TYR I 568 19.47 14.03 -8.87
CA TYR I 568 19.71 13.00 -9.82
C TYR I 568 20.81 13.59 -10.66
N PRO I 569 21.83 12.82 -11.04
CA PRO I 569 23.07 13.31 -11.63
C PRO I 569 22.87 14.02 -12.94
N VAL I 570 23.88 14.80 -13.42
CA VAL I 570 23.90 15.39 -14.74
C VAL I 570 23.81 14.29 -15.77
N VAL I 571 22.64 14.24 -16.44
CA VAL I 571 22.24 13.14 -17.28
C VAL I 571 21.47 13.77 -18.39
N ASP I 572 21.77 13.32 -19.63
CA ASP I 572 21.14 13.71 -20.87
C ASP I 572 21.33 15.18 -21.10
N MET I 573 22.59 15.61 -20.94
CA MET I 573 23.10 16.93 -21.15
C MET I 573 24.32 16.71 -21.99
N GLY I 574 24.64 17.66 -22.88
CA GLY I 574 25.83 17.55 -23.68
C GLY I 574 26.74 18.60 -23.15
N ILE I 575 28.05 18.29 -23.06
CA ILE I 575 29.06 19.15 -22.50
C ILE I 575 30.20 19.25 -23.49
N ARG I 576 30.69 20.48 -23.75
CA ARG I 576 31.64 20.82 -24.77
C ARG I 576 32.78 21.54 -24.11
N LEU I 577 34.00 20.94 -24.12
CA LEU I 577 35.19 21.61 -23.67
C LEU I 577 35.71 22.34 -24.87
N HIS I 578 35.82 23.68 -24.77
CA HIS I 578 36.07 24.50 -25.92
C HIS I 578 37.21 25.42 -25.68
N PHE I 579 37.53 25.69 -24.40
CA PHE I 579 38.61 26.57 -24.11
C PHE I 579 39.11 26.15 -22.77
N GLY I 580 40.33 26.63 -22.45
CA GLY I 580 40.91 26.57 -21.16
C GLY I 580 42.34 26.93 -21.36
N SER I 581 43.17 26.65 -20.35
CA SER I 581 44.60 26.85 -20.41
C SER I 581 45.21 25.92 -19.39
N TYR I 582 46.56 25.99 -19.34
CA TYR I 582 47.48 25.32 -18.46
C TYR I 582 48.51 24.64 -19.28
N HIS I 583 49.65 24.32 -18.63
CA HIS I 583 50.77 23.60 -19.20
C HIS I 583 50.31 22.29 -19.74
N ASP I 584 50.34 22.17 -21.09
CA ASP I 584 49.70 21.09 -21.82
C ASP I 584 50.70 20.00 -22.07
N VAL I 585 51.88 20.10 -21.41
CA VAL I 585 53.00 19.22 -21.59
C VAL I 585 53.42 18.74 -20.22
N ASP I 586 52.63 19.05 -19.17
CA ASP I 586 52.94 18.69 -17.81
C ASP I 586 51.61 18.37 -17.20
N SER I 587 51.60 17.39 -16.26
CA SER I 587 50.43 17.13 -15.46
C SER I 587 50.87 16.47 -14.19
N SER I 588 49.92 16.39 -13.24
CA SER I 588 50.04 15.67 -12.00
C SER I 588 48.63 15.40 -11.61
N GLU I 589 48.43 14.40 -10.72
CA GLU I 589 47.17 13.99 -10.14
C GLU I 589 46.52 15.16 -9.44
N LEU I 590 47.38 15.94 -8.76
CA LEU I 590 47.07 17.08 -7.95
C LEU I 590 46.49 18.16 -8.81
N ALA I 591 47.05 18.34 -10.04
CA ALA I 591 46.64 19.36 -10.98
C ALA I 591 45.21 19.17 -11.42
N PHE I 592 44.77 17.91 -11.69
CA PHE I 592 43.40 17.67 -12.10
C PHE I 592 42.45 17.83 -10.97
N LYS I 593 42.87 17.52 -9.71
CA LYS I 593 42.02 17.70 -8.57
C LYS I 593 41.70 19.16 -8.30
N LEU I 594 42.71 20.07 -8.46
CA LEU I 594 42.50 21.49 -8.27
C LEU I 594 41.67 22.07 -9.39
N ALA I 595 41.97 21.62 -10.65
CA ALA I 595 41.32 22.08 -11.86
C ALA I 595 39.85 21.76 -11.87
N ALA I 596 39.52 20.55 -11.38
CA ALA I 596 38.17 20.09 -11.26
C ALA I 596 37.43 20.82 -10.21
N SER I 597 38.11 21.13 -9.07
CA SER I 597 37.49 21.78 -7.95
C SER I 597 36.99 23.15 -8.29
N ILE I 598 37.84 23.98 -8.96
CA ILE I 598 37.46 25.34 -9.33
C ILE I 598 36.36 25.37 -10.38
N ALA I 599 36.43 24.40 -11.32
CA ALA I 599 35.50 24.23 -12.40
C ALA I 599 34.14 23.91 -11.90
N PHE I 600 34.06 23.13 -10.80
CA PHE I 600 32.84 22.70 -10.21
C PHE I 600 32.20 23.86 -9.49
N LYS I 601 33.00 24.73 -8.82
CA LYS I 601 32.41 25.84 -8.09
C LYS I 601 31.67 26.78 -9.00
N GLU I 602 32.24 27.07 -10.19
CA GLU I 602 31.52 27.86 -11.18
C GLU I 602 30.36 27.13 -11.82
N GLY I 603 30.60 25.83 -12.11
CA GLY I 603 29.80 25.00 -12.98
C GLY I 603 28.39 24.70 -12.60
N PHE I 604 28.10 24.54 -11.29
CA PHE I 604 26.78 24.20 -10.79
C PHE I 604 25.72 25.22 -11.14
N LYS I 605 26.13 26.50 -11.23
CA LYS I 605 25.28 27.65 -11.30
C LYS I 605 24.48 27.83 -12.56
N LYS I 606 24.81 27.17 -13.70
CA LYS I 606 24.19 27.54 -14.96
C LYS I 606 23.82 26.31 -15.75
N ALA I 607 22.54 26.25 -16.20
CA ALA I 607 21.89 25.13 -16.88
C ALA I 607 20.40 25.33 -16.71
N LYS I 608 19.58 24.25 -16.83
CA LYS I 608 18.13 24.32 -16.73
C LYS I 608 17.60 22.89 -16.64
N PRO I 609 17.51 22.25 -15.47
CA PRO I 609 16.90 20.96 -15.27
C PRO I 609 15.52 20.75 -15.84
N VAL I 610 15.26 19.51 -16.29
CA VAL I 610 13.97 19.01 -16.69
C VAL I 610 14.12 17.58 -16.27
N LEU I 611 13.04 16.96 -15.70
CA LEU I 611 13.11 15.62 -15.16
C LEU I 611 11.78 14.94 -15.34
N LEU I 612 11.36 14.06 -14.40
CA LEU I 612 10.16 13.27 -14.51
C LEU I 612 9.54 13.00 -13.16
N GLU I 613 8.19 12.78 -13.12
CA GLU I 613 7.45 12.36 -11.93
C GLU I 613 6.69 11.08 -12.27
N PRO I 614 6.43 10.07 -11.41
CA PRO I 614 5.63 8.90 -11.74
C PRO I 614 4.18 9.20 -12.00
N ILE I 615 3.65 8.72 -13.13
CA ILE I 615 2.24 8.70 -13.41
C ILE I 615 1.71 7.29 -13.29
N MET I 616 0.55 7.17 -12.61
CA MET I 616 0.00 5.88 -12.26
C MET I 616 -1.18 5.72 -13.16
N LYS I 617 -1.35 4.51 -13.70
CA LYS I 617 -2.57 4.08 -14.32
C LYS I 617 -3.52 3.77 -13.21
N VAL I 618 -4.61 4.56 -13.11
CA VAL I 618 -5.57 4.40 -12.07
C VAL I 618 -6.79 3.99 -12.81
N GLU I 619 -7.15 2.70 -12.69
CA GLU I 619 -8.35 2.17 -13.30
C GLU I 619 -9.35 2.11 -12.21
N VAL I 620 -10.47 2.86 -12.32
CA VAL I 620 -11.47 2.96 -11.29
C VAL I 620 -12.69 2.34 -11.88
N GLU I 621 -13.37 1.49 -11.06
CA GLU I 621 -14.60 0.85 -11.43
C GLU I 621 -15.52 1.28 -10.36
N THR I 622 -16.62 1.94 -10.76
CA THR I 622 -17.60 2.41 -9.84
C THR I 622 -18.90 2.30 -10.57
N PRO I 623 -20.04 2.17 -9.91
CA PRO I 623 -21.39 2.32 -10.46
C PRO I 623 -21.59 3.55 -11.31
N GLU I 624 -22.34 3.41 -12.43
CA GLU I 624 -22.36 4.25 -13.62
C GLU I 624 -22.76 5.68 -13.35
N GLU I 625 -23.54 5.95 -12.28
CA GLU I 625 -23.97 7.28 -11.89
C GLU I 625 -22.82 8.17 -11.46
N ASN I 626 -21.64 7.56 -11.22
CA ASN I 626 -20.47 8.20 -10.73
C ASN I 626 -19.52 8.56 -11.82
N THR I 627 -19.94 8.64 -13.12
CA THR I 627 -19.03 9.00 -14.22
C THR I 627 -18.50 10.41 -13.99
N GLY I 628 -19.44 11.26 -13.49
CA GLY I 628 -19.29 12.64 -13.08
C GLY I 628 -18.25 12.72 -12.01
N ASP I 629 -18.49 11.89 -10.97
CA ASP I 629 -17.86 11.88 -9.69
C ASP I 629 -16.44 11.36 -9.74
N VAL I 630 -16.09 10.40 -10.63
CA VAL I 630 -14.75 9.87 -10.85
C VAL I 630 -13.92 10.97 -11.42
N ILE I 631 -14.53 11.77 -12.34
CA ILE I 631 -13.86 12.87 -12.99
C ILE I 631 -13.67 13.94 -11.93
N GLY I 632 -14.66 14.15 -11.04
CA GLY I 632 -14.55 15.04 -9.88
C GLY I 632 -13.43 14.68 -8.92
N ASP I 633 -13.20 13.36 -8.66
CA ASP I 633 -12.20 12.84 -7.75
C ASP I 633 -10.84 13.15 -8.30
N LEU I 634 -10.73 12.97 -9.62
CA LEU I 634 -9.58 13.22 -10.44
C LEU I 634 -9.28 14.68 -10.36
N SER I 635 -10.29 15.57 -10.43
CA SER I 635 -10.03 16.99 -10.32
C SER I 635 -9.39 17.38 -9.01
N ARG I 636 -9.89 16.82 -7.87
CA ARG I 636 -9.31 17.10 -6.58
C ARG I 636 -7.95 16.46 -6.39
N ARG I 637 -7.68 15.39 -7.17
CA ARG I 637 -6.46 14.60 -7.17
C ARG I 637 -5.58 14.83 -8.35
N ARG I 638 -5.61 16.02 -9.03
CA ARG I 638 -4.89 16.35 -10.26
C ARG I 638 -4.72 15.18 -11.20
N GLY I 639 -5.86 14.62 -11.67
CA GLY I 639 -5.92 13.40 -12.42
C GLY I 639 -6.78 13.67 -13.62
N MET I 640 -6.77 12.73 -14.57
CA MET I 640 -7.42 12.89 -15.84
C MET I 640 -7.95 11.59 -16.29
N LEU I 641 -8.79 11.62 -17.34
CA LEU I 641 -9.38 10.44 -17.91
C LEU I 641 -8.87 10.37 -19.32
N LYS I 642 -8.49 9.14 -19.72
CA LYS I 642 -8.02 8.82 -21.03
C LYS I 642 -8.83 7.62 -21.39
N GLY I 643 -10.10 7.86 -21.77
CA GLY I 643 -11.02 6.81 -22.12
C GLY I 643 -11.85 6.50 -20.92
N GLN I 644 -13.12 6.12 -21.17
CA GLN I 644 -14.01 5.72 -20.14
C GLN I 644 -15.07 4.97 -20.87
N GLU I 645 -15.18 3.68 -20.50
CA GLU I 645 -15.96 2.66 -21.13
C GLU I 645 -16.82 2.04 -20.08
N SER I 646 -18.10 1.72 -20.39
CA SER I 646 -18.99 1.04 -19.48
C SER I 646 -18.53 -0.38 -19.21
N GLU I 647 -18.81 -0.90 -17.98
CA GLU I 647 -18.51 -2.26 -17.60
C GLU I 647 -19.56 -2.67 -16.61
N VAL I 648 -20.57 -3.44 -17.07
CA VAL I 648 -21.64 -4.02 -16.28
C VAL I 648 -22.39 -2.95 -15.46
N THR I 649 -22.38 -3.03 -14.09
CA THR I 649 -23.14 -2.18 -13.19
C THR I 649 -22.47 -0.84 -13.08
N GLY I 650 -21.21 -0.80 -13.55
CA GLY I 650 -20.26 0.23 -13.35
C GLY I 650 -19.76 0.71 -14.64
N VAL I 651 -18.97 1.78 -14.56
CA VAL I 651 -18.26 2.33 -15.66
C VAL I 651 -16.87 2.11 -15.20
N LYS I 652 -15.97 1.92 -16.17
CA LYS I 652 -14.60 1.61 -15.95
C LYS I 652 -13.95 2.78 -16.57
N ILE I 653 -13.39 3.66 -15.73
CA ILE I 653 -12.71 4.83 -16.22
C ILE I 653 -11.28 4.43 -16.20
N HIS I 654 -10.60 4.74 -17.31
CA HIS I 654 -9.22 4.45 -17.49
C HIS I 654 -8.64 5.80 -17.34
N ALA I 655 -8.14 6.06 -16.12
CA ALA I 655 -7.67 7.33 -15.71
C ALA I 655 -6.22 7.21 -15.53
N GLU I 656 -5.56 8.36 -15.66
CA GLU I 656 -4.16 8.51 -15.42
C GLU I 656 -4.18 9.54 -14.36
N VAL I 657 -3.55 9.23 -13.22
CA VAL I 657 -3.55 10.12 -12.09
C VAL I 657 -2.12 9.94 -11.68
N PRO I 658 -1.36 10.98 -11.36
CA PRO I 658 0.00 10.82 -10.88
C PRO I 658 0.05 10.03 -9.61
N LEU I 659 1.03 9.09 -9.49
CA LEU I 659 1.24 8.24 -8.33
C LEU I 659 1.59 9.13 -7.17
N SER I 660 2.31 10.19 -7.54
CA SER I 660 2.80 11.22 -6.71
C SER I 660 1.73 12.02 -6.03
N GLU I 661 0.47 12.02 -6.54
CA GLU I 661 -0.54 12.95 -6.08
C GLU I 661 -1.61 12.27 -5.26
N MET I 662 -1.37 11.01 -4.83
CA MET I 662 -2.31 10.28 -4.00
C MET I 662 -2.24 10.85 -2.60
N PHE I 663 -3.38 10.83 -1.87
CA PHE I 663 -3.49 11.40 -0.53
C PHE I 663 -4.11 10.36 0.36
N GLY I 664 -3.98 9.07 -0.05
CA GLY I 664 -4.61 7.94 0.57
C GLY I 664 -5.76 7.79 -0.35
N TYR I 665 -5.47 7.21 -1.54
CA TYR I 665 -6.28 7.36 -2.72
C TYR I 665 -7.65 6.77 -2.56
N ALA I 666 -7.80 5.60 -1.90
CA ALA I 666 -9.08 4.96 -1.75
C ALA I 666 -10.00 5.82 -0.94
N THR I 667 -9.48 6.50 0.12
CA THR I 667 -10.29 7.31 1.00
C THR I 667 -10.85 8.52 0.29
N GLN I 668 -10.00 9.22 -0.50
CA GLN I 668 -10.39 10.38 -1.27
C GLN I 668 -11.37 10.03 -2.35
N LEU I 669 -11.13 8.88 -3.01
CA LEU I 669 -11.89 8.39 -4.13
C LEU I 669 -13.27 8.05 -3.67
N ARG I 670 -13.38 7.37 -2.50
CA ARG I 670 -14.62 7.00 -1.87
C ARG I 670 -15.40 8.23 -1.52
N SER I 671 -14.73 9.30 -1.01
CA SER I 671 -15.46 10.47 -0.55
C SER I 671 -16.09 11.16 -1.73
N LEU I 672 -15.32 11.31 -2.84
CA LEU I 672 -15.80 11.94 -4.04
C LEU I 672 -16.77 11.12 -4.88
N THR I 673 -16.84 9.77 -4.72
CA THR I 673 -17.65 8.91 -5.58
C THR I 673 -18.65 8.16 -4.75
N LYS I 674 -18.85 8.61 -3.50
CA LYS I 674 -19.87 8.19 -2.57
C LYS I 674 -19.79 6.71 -2.20
N GLY I 675 -18.55 6.21 -1.97
CA GLY I 675 -18.29 4.91 -1.38
C GLY I 675 -18.43 3.77 -2.34
N ARG I 676 -18.62 4.05 -3.64
CA ARG I 676 -19.04 3.05 -4.58
C ARG I 676 -17.91 2.61 -5.44
N ALA I 677 -16.77 3.34 -5.43
CA ALA I 677 -15.65 3.02 -6.27
C ALA I 677 -14.76 1.97 -5.69
N SER I 678 -13.98 1.36 -6.61
CA SER I 678 -12.93 0.42 -6.36
C SER I 678 -11.87 0.92 -7.32
N TYR I 679 -10.57 0.63 -7.09
CA TYR I 679 -9.55 1.03 -8.03
C TYR I 679 -8.38 0.12 -7.94
N THR I 680 -7.53 0.15 -9.00
CA THR I 680 -6.25 -0.47 -8.97
C THR I 680 -5.34 0.64 -9.38
N MET I 681 -4.05 0.55 -8.97
CA MET I 681 -3.04 1.52 -9.25
C MET I 681 -1.82 0.75 -9.63
N GLU I 682 -1.42 0.87 -10.90
CA GLU I 682 -0.23 0.27 -11.44
C GLU I 682 0.52 1.36 -12.11
N PHE I 683 1.87 1.29 -12.13
CA PHE I 683 2.74 2.21 -12.84
C PHE I 683 2.39 2.24 -14.30
N LEU I 684 2.40 3.44 -14.91
CA LEU I 684 2.05 3.57 -16.30
C LEU I 684 3.34 3.97 -16.92
N LYS I 685 3.91 5.12 -16.48
CA LYS I 685 5.17 5.59 -16.96
C LYS I 685 5.61 6.62 -15.97
N TYR I 686 6.90 6.99 -16.03
CA TYR I 686 7.37 8.21 -15.41
C TYR I 686 7.30 9.17 -16.57
N ASP I 687 6.96 10.44 -16.26
CA ASP I 687 6.67 11.38 -17.32
C ASP I 687 7.34 12.69 -17.07
N GLU I 688 7.71 13.32 -18.20
CA GLU I 688 8.26 14.64 -18.36
C GLU I 688 7.20 15.71 -18.24
N ALA I 689 6.04 15.38 -17.63
CA ALA I 689 4.76 15.94 -17.94
C ALA I 689 4.47 16.18 -19.42
N PRO I 690 4.21 15.15 -20.25
CA PRO I 690 3.73 15.27 -21.63
C PRO I 690 2.51 16.13 -21.75
N SER I 691 2.15 16.57 -22.97
CA SER I 691 1.09 17.53 -23.17
C SER I 691 -0.24 16.98 -22.70
N ASN I 692 -0.58 15.73 -23.12
CA ASN I 692 -1.84 15.12 -22.74
C ASN I 692 -1.92 14.91 -21.25
N VAL I 693 -0.82 14.46 -20.60
CA VAL I 693 -0.88 14.21 -19.19
C VAL I 693 -0.98 15.46 -18.37
N ALA I 694 -0.19 16.53 -18.67
CA ALA I 694 -0.32 17.76 -17.93
C ALA I 694 -1.57 18.54 -18.15
N GLN I 695 -2.03 18.64 -19.43
CA GLN I 695 -3.19 19.40 -19.77
C GLN I 695 -4.44 18.82 -19.26
N ALA I 696 -4.58 17.48 -19.39
CA ALA I 696 -5.73 16.74 -18.98
C ALA I 696 -5.95 16.78 -17.48
N VAL I 697 -4.84 16.69 -16.69
CA VAL I 697 -4.93 16.61 -15.24
C VAL I 697 -5.36 17.96 -14.69
N ILE I 698 -4.76 19.04 -15.25
CA ILE I 698 -5.05 20.42 -14.97
C ILE I 698 -6.46 20.75 -15.36
N GLU I 699 -6.93 20.24 -16.53
CA GLU I 699 -8.23 20.41 -17.12
C GLU I 699 -9.27 19.93 -16.16
N ALA I 700 -9.12 18.69 -15.63
CA ALA I 700 -10.06 18.13 -14.69
C ALA I 700 -10.09 19.00 -13.46
N ARG I 701 -8.89 19.36 -12.94
CA ARG I 701 -8.73 20.14 -11.72
C ARG I 701 -9.29 21.55 -11.82
N GLY I 702 -9.45 22.08 -13.05
CA GLY I 702 -10.12 23.33 -13.25
C GLY I 702 -10.11 23.59 -14.76
#